data_5AIN
#
_entry.id   5AIN
#
_cell.length_a   72.794
_cell.length_b   72.794
_cell.length_c   479.221
_cell.angle_alpha   90.00
_cell.angle_beta   90.00
_cell.angle_gamma   90.00
#
_symmetry.space_group_name_H-M   'P 41 21 2'
#
loop_
_entity.id
_entity.type
_entity.pdbx_description
1 polymer 'SOLUBLE ACETYLCHOLINE RECEPTOR'
2 non-polymer VARENICLINE
3 water water
#
_entity_poly.entity_id   1
_entity_poly.type   'polypeptide(L)'
_entity_poly.pdbx_seq_one_letter_code
;QANLMRLKSDLFNRSPMYPGPTKDDPLTVTLGFTLQDIVKVDSSTNEVDLVYYERQRWKLNSLMWDPNEYGNITDFRTSA
ADIWTPDITAYESTRPVQVLSPQIAVVTHDGSVMFIPAQRLSFMCDPTGVDSEEGVTCALTFGSWVYSGFEIDLKTDTDQ
VDLSSYYASSKYEILSATQTRQVQHYSCCPEPYIDVNLVVKFRERRAGNGFF
;
_entity_poly.pdbx_strand_id   A,B,C,D,E
#
loop_
_chem_comp.id
_chem_comp.type
_chem_comp.name
_chem_comp.formula
QMR non-polymer VARENICLINE 'C13 H13 N3'
#
# COMPACT_ATOMS: atom_id res chain seq x y z
N GLN A 1 -6.58 29.90 -12.43
CA GLN A 1 -6.31 31.01 -13.34
C GLN A 1 -4.84 31.43 -13.36
N ALA A 2 -4.55 32.37 -14.25
CA ALA A 2 -3.18 32.79 -14.56
C ALA A 2 -2.37 33.23 -13.34
N ASN A 3 -2.92 34.17 -12.57
CA ASN A 3 -2.22 34.70 -11.40
C ASN A 3 -1.88 33.65 -10.35
N LEU A 4 -2.85 32.79 -10.04
CA LEU A 4 -2.65 31.73 -9.07
C LEU A 4 -1.59 30.73 -9.55
N MET A 5 -1.62 30.38 -10.83
CA MET A 5 -0.58 29.51 -11.39
C MET A 5 0.79 30.21 -11.36
N ARG A 6 0.78 31.52 -11.58
CA ARG A 6 2.01 32.30 -11.49
C ARG A 6 2.49 32.33 -10.05
N LEU A 7 1.57 32.53 -9.11
CA LEU A 7 1.91 32.57 -7.69
C LEU A 7 2.48 31.26 -7.19
N LYS A 8 1.81 30.16 -7.53
CA LYS A 8 2.27 28.85 -7.07
C LYS A 8 3.57 28.47 -7.75
N SER A 9 3.74 28.89 -9.00
CA SER A 9 4.99 28.65 -9.70
C SER A 9 6.14 29.40 -9.03
N ASP A 10 5.90 30.65 -8.66
CA ASP A 10 6.92 31.46 -7.99
C ASP A 10 7.33 30.83 -6.66
N LEU A 11 6.37 30.58 -5.78
CA LEU A 11 6.69 30.08 -4.45
C LEU A 11 7.38 28.70 -4.49
N PHE A 12 7.01 27.88 -5.46
CA PHE A 12 7.46 26.49 -5.46
C PHE A 12 8.60 26.17 -6.42
N ASN A 13 8.95 27.13 -7.29
CA ASN A 13 10.04 26.93 -8.25
C ASN A 13 11.20 27.93 -8.11
N ARG A 14 10.91 29.12 -7.60
CA ARG A 14 11.95 30.13 -7.41
C ARG A 14 12.99 29.66 -6.39
N SER A 15 12.55 28.77 -5.50
CA SER A 15 13.37 28.39 -4.36
C SER A 15 13.30 26.89 -4.11
N PRO A 16 14.39 26.30 -3.60
CA PRO A 16 14.32 24.92 -3.10
C PRO A 16 13.37 24.85 -1.92
N MET A 17 12.95 23.65 -1.54
CA MET A 17 11.97 23.55 -0.46
C MET A 17 12.57 23.95 0.89
N TYR A 18 11.72 24.49 1.74
CA TYR A 18 12.05 24.80 3.12
C TYR A 18 12.55 23.54 3.79
N PRO A 19 13.80 23.57 4.30
CA PRO A 19 14.47 22.38 4.83
C PRO A 19 14.08 22.00 6.25
N GLY A 20 13.06 22.65 6.81
CA GLY A 20 12.68 22.40 8.19
C GLY A 20 13.26 23.44 9.14
N PRO A 21 12.75 23.48 10.37
CA PRO A 21 13.20 24.47 11.36
C PRO A 21 14.54 24.08 11.93
N THR A 22 15.23 25.03 12.55
CA THR A 22 16.50 24.77 13.19
C THR A 22 16.54 25.55 14.50
N LYS A 23 17.58 25.34 15.30
CA LYS A 23 17.76 26.09 16.53
C LYS A 23 17.86 27.59 16.26
N ASP A 24 18.51 27.93 15.15
CA ASP A 24 18.61 29.33 14.73
C ASP A 24 17.29 29.88 14.22
N ASP A 25 16.43 29.01 13.74
CA ASP A 25 15.16 29.45 13.20
C ASP A 25 14.04 28.52 13.60
N PRO A 26 13.68 28.54 14.89
CA PRO A 26 12.69 27.59 15.37
C PRO A 26 11.29 27.94 14.90
N LEU A 27 10.38 26.98 15.05
CA LEU A 27 9.02 27.14 14.58
C LEU A 27 8.01 26.80 15.68
N THR A 28 6.91 27.52 15.73
CA THR A 28 5.83 27.16 16.65
C THR A 28 4.64 26.60 15.86
N VAL A 29 4.18 25.42 16.23
CA VAL A 29 3.02 24.84 15.58
C VAL A 29 1.85 24.85 16.54
N THR A 30 0.72 25.38 16.09
CA THR A 30 -0.49 25.36 16.91
C THR A 30 -1.29 24.12 16.56
N LEU A 31 -1.67 23.37 17.59
CA LEU A 31 -2.26 22.06 17.42
C LEU A 31 -3.60 22.06 18.15
N GLY A 32 -4.65 21.60 17.48
CA GLY A 32 -5.95 21.47 18.13
C GLY A 32 -6.69 20.25 17.62
N PHE A 33 -7.43 19.58 18.49
CA PHE A 33 -8.07 18.32 18.09
C PHE A 33 -9.58 18.39 18.08
N THR A 34 -10.17 17.75 17.07
CA THR A 34 -11.62 17.59 16.95
C THR A 34 -11.93 16.10 16.98
N LEU A 35 -12.70 15.67 17.98
CA LEU A 35 -12.95 14.25 18.19
C LEU A 35 -14.26 13.81 17.55
N GLN A 36 -14.17 12.92 16.58
CA GLN A 36 -15.34 12.52 15.79
C GLN A 36 -16.04 11.30 16.35
N ASP A 37 -15.26 10.33 16.83
CA ASP A 37 -15.81 9.05 17.20
C ASP A 37 -14.77 8.17 17.90
N ILE A 38 -15.15 7.60 19.02
CA ILE A 38 -14.43 6.44 19.53
C ILE A 38 -15.14 5.25 18.90
N VAL A 39 -14.50 4.67 17.89
CA VAL A 39 -15.12 3.63 17.09
C VAL A 39 -15.09 2.28 17.80
N LYS A 40 -13.92 1.95 18.34
CA LYS A 40 -13.72 0.58 18.81
C LYS A 40 -12.90 0.50 20.08
N VAL A 41 -13.29 -0.43 20.94
CA VAL A 41 -12.51 -0.76 22.12
C VAL A 41 -12.15 -2.24 22.05
N ASP A 42 -10.89 -2.57 22.33
CA ASP A 42 -10.43 -3.96 22.29
C ASP A 42 -9.74 -4.34 23.61
N SER A 43 -10.47 -5.05 24.46
CA SER A 43 -9.97 -5.42 25.79
C SER A 43 -9.10 -6.67 25.80
N SER A 44 -8.92 -7.31 24.66
CA SER A 44 -8.01 -8.44 24.60
C SER A 44 -6.61 -7.93 24.30
N THR A 45 -6.53 -6.72 23.75
CA THR A 45 -5.22 -6.18 23.41
C THR A 45 -4.94 -4.81 24.04
N ASN A 46 -5.95 -4.24 24.69
CA ASN A 46 -5.85 -2.88 25.22
C ASN A 46 -5.46 -1.89 24.14
N GLU A 47 -6.29 -1.85 23.10
CA GLU A 47 -6.16 -0.88 22.02
C GLU A 47 -7.51 -0.22 21.86
N VAL A 48 -7.50 1.06 21.51
CA VAL A 48 -8.75 1.77 21.25
C VAL A 48 -8.57 2.53 19.95
N ASP A 49 -9.62 2.56 19.13
CA ASP A 49 -9.56 3.19 17.82
C ASP A 49 -10.28 4.51 17.86
N LEU A 50 -9.61 5.57 17.42
N LEU A 50 -9.63 5.55 17.35
CA LEU A 50 -10.18 6.91 17.44
CA LEU A 50 -10.14 6.91 17.43
C LEU A 50 -10.26 7.50 16.04
C LEU A 50 -10.22 7.57 16.07
N VAL A 51 -11.36 8.18 15.75
CA VAL A 51 -11.46 9.01 14.55
C VAL A 51 -11.47 10.48 14.98
N TYR A 52 -10.58 11.30 14.41
CA TYR A 52 -10.45 12.70 14.80
C TYR A 52 -9.83 13.52 13.68
N TYR A 53 -10.01 14.84 13.74
CA TYR A 53 -9.29 15.80 12.91
C TYR A 53 -8.16 16.36 13.74
N GLU A 54 -7.08 16.76 13.08
CA GLU A 54 -5.97 17.35 13.79
C GLU A 54 -5.65 18.69 13.13
N ARG A 55 -6.10 19.78 13.75
CA ARG A 55 -5.86 21.10 13.19
C ARG A 55 -4.42 21.56 13.48
N GLN A 56 -3.68 21.87 12.42
CA GLN A 56 -2.31 22.33 12.54
C GLN A 56 -2.13 23.67 11.88
N ARG A 57 -1.37 24.57 12.53
CA ARG A 57 -1.04 25.87 11.97
C ARG A 57 0.41 26.24 12.25
N TRP A 58 1.05 26.85 11.26
CA TRP A 58 2.38 27.36 11.43
C TRP A 58 2.53 28.46 10.41
N LYS A 59 3.64 29.18 10.45
CA LYS A 59 3.84 30.30 9.55
C LYS A 59 5.29 30.35 9.08
N LEU A 60 5.49 30.61 7.80
CA LEU A 60 6.82 30.64 7.22
C LEU A 60 6.96 31.88 6.35
N ASN A 61 8.08 32.58 6.49
CA ASN A 61 8.33 33.72 5.62
C ASN A 61 8.55 33.30 4.17
N SER A 62 8.99 32.06 3.95
CA SER A 62 9.23 31.58 2.59
C SER A 62 7.93 31.37 1.80
N LEU A 63 6.81 31.38 2.51
CA LEU A 63 5.49 31.27 1.90
C LEU A 63 4.77 32.63 1.84
N MET A 64 5.52 33.70 2.07
CA MET A 64 4.94 35.04 2.05
C MET A 64 4.90 35.60 0.65
N TRP A 65 3.93 36.47 0.38
CA TRP A 65 3.87 37.17 -0.89
C TRP A 65 2.94 38.37 -0.74
N ASP A 66 3.07 39.30 -1.68
CA ASP A 66 2.24 40.50 -1.72
C ASP A 66 1.06 40.29 -2.65
N PRO A 67 -0.17 40.36 -2.10
CA PRO A 67 -1.39 40.12 -2.88
C PRO A 67 -1.54 41.03 -4.11
N ASN A 68 -1.13 42.29 -4.01
CA ASN A 68 -1.19 43.22 -5.14
C ASN A 68 -0.39 42.72 -6.34
N GLU A 69 0.69 41.99 -6.06
CA GLU A 69 1.58 41.50 -7.11
C GLU A 69 1.00 40.25 -7.76
N TYR A 70 -0.17 39.84 -7.32
CA TYR A 70 -0.80 38.61 -7.83
C TYR A 70 -2.32 38.72 -7.94
N GLY A 71 -2.79 39.83 -8.50
CA GLY A 71 -4.21 40.06 -8.69
C GLY A 71 -5.04 39.89 -7.43
N ASN A 72 -4.51 40.41 -6.32
CA ASN A 72 -5.24 40.44 -5.05
C ASN A 72 -5.58 39.07 -4.44
N ILE A 73 -4.83 38.04 -4.82
CA ILE A 73 -4.98 36.75 -4.18
C ILE A 73 -4.37 36.81 -2.78
N THR A 74 -5.14 36.45 -1.77
CA THR A 74 -4.67 36.51 -0.38
C THR A 74 -4.44 35.13 0.24
N ASP A 75 -4.89 34.08 -0.46
CA ASP A 75 -4.72 32.71 0.01
C ASP A 75 -5.00 31.71 -1.10
N PHE A 76 -4.53 30.49 -0.93
CA PHE A 76 -4.80 29.42 -1.89
C PHE A 76 -4.74 28.04 -1.24
N ARG A 77 -5.45 27.10 -1.85
CA ARG A 77 -5.36 25.68 -1.48
C ARG A 77 -4.17 25.08 -2.21
N THR A 78 -3.57 24.05 -1.65
CA THR A 78 -2.50 23.34 -2.31
C THR A 78 -2.27 22.01 -1.64
N SER A 79 -1.75 21.05 -2.41
CA SER A 79 -1.49 19.73 -1.90
C SER A 79 -0.44 19.80 -0.80
N ALA A 80 -0.69 19.11 0.31
CA ALA A 80 0.23 19.13 1.44
C ALA A 80 1.63 18.62 1.06
N ALA A 81 1.73 17.95 -0.09
CA ALA A 81 3.00 17.43 -0.58
C ALA A 81 3.85 18.52 -1.26
N ASP A 82 3.21 19.61 -1.67
CA ASP A 82 3.93 20.73 -2.27
C ASP A 82 4.77 21.48 -1.23
N ILE A 83 4.38 21.41 0.03
CA ILE A 83 5.02 22.21 1.07
C ILE A 83 5.55 21.36 2.22
N TRP A 84 6.39 21.96 3.06
CA TRP A 84 6.88 21.29 4.26
C TRP A 84 5.73 21.17 5.25
N THR A 85 5.70 20.07 6.00
CA THR A 85 4.72 19.90 7.08
C THR A 85 5.43 19.34 8.31
N PRO A 86 4.91 19.62 9.53
CA PRO A 86 5.55 19.10 10.74
C PRO A 86 5.33 17.60 10.95
N ASP A 87 6.32 16.95 11.54
CA ASP A 87 6.29 15.49 11.77
C ASP A 87 5.54 15.14 13.07
N ILE A 88 4.38 15.76 13.28
CA ILE A 88 3.61 15.50 14.48
C ILE A 88 3.11 14.06 14.56
N THR A 89 3.50 13.35 15.61
CA THR A 89 3.31 11.91 15.69
C THR A 89 2.59 11.52 16.97
N ALA A 90 1.68 10.55 16.89
CA ALA A 90 1.06 10.02 18.10
C ALA A 90 1.93 8.91 18.68
N TYR A 91 2.46 9.16 19.87
CA TYR A 91 3.45 8.30 20.52
C TYR A 91 2.96 6.92 20.96
N GLU A 92 1.66 6.80 21.28
CA GLU A 92 1.08 5.55 21.77
C GLU A 92 0.38 4.76 20.68
N SER A 93 0.61 5.09 19.42
CA SER A 93 -0.08 4.39 18.34
C SER A 93 0.39 2.93 18.25
N THR A 94 -0.51 2.04 17.87
CA THR A 94 -0.12 0.65 17.73
C THR A 94 -0.19 0.17 16.27
N ARG A 95 -0.79 0.98 15.41
CA ARG A 95 -0.87 0.69 13.97
C ARG A 95 -0.50 1.98 13.25
N PRO A 96 -0.01 1.87 12.01
CA PRO A 96 0.17 3.08 11.19
C PRO A 96 -1.16 3.81 11.10
N VAL A 97 -1.12 5.14 11.24
CA VAL A 97 -2.31 5.96 11.24
C VAL A 97 -2.98 5.88 9.86
N GLN A 98 -4.31 5.92 9.82
CA GLN A 98 -5.04 5.84 8.56
C GLN A 98 -5.67 7.18 8.19
N VAL A 99 -5.30 7.71 7.03
CA VAL A 99 -5.76 9.02 6.56
C VAL A 99 -7.17 8.94 5.99
N LEU A 100 -8.07 9.82 6.46
CA LEU A 100 -9.48 9.75 6.09
C LEU A 100 -9.91 10.86 5.15
N SER A 101 -9.01 11.79 4.90
CA SER A 101 -9.41 12.97 4.17
C SER A 101 -8.35 13.31 3.13
N PRO A 102 -8.72 14.12 2.13
CA PRO A 102 -7.71 14.71 1.25
C PRO A 102 -6.63 15.41 2.09
N GLN A 103 -5.42 15.52 1.55
CA GLN A 103 -4.36 16.17 2.28
C GLN A 103 -3.92 17.42 1.56
N ILE A 104 -4.71 18.45 1.78
CA ILE A 104 -4.58 19.71 1.09
C ILE A 104 -4.48 20.76 2.17
N ALA A 105 -3.54 21.68 2.01
CA ALA A 105 -3.33 22.77 2.96
C ALA A 105 -3.80 24.10 2.38
N VAL A 106 -4.17 25.04 3.25
CA VAL A 106 -4.42 26.41 2.83
C VAL A 106 -3.28 27.32 3.25
N VAL A 107 -2.71 28.04 2.29
CA VAL A 107 -1.60 28.93 2.54
C VAL A 107 -2.08 30.37 2.37
N THR A 108 -1.71 31.23 3.31
CA THR A 108 -2.13 32.65 3.26
C THR A 108 -0.94 33.57 2.97
N HIS A 109 -1.21 34.75 2.40
CA HIS A 109 -0.17 35.65 1.91
C HIS A 109 0.86 36.05 2.97
N ASP A 110 0.45 36.02 4.23
CA ASP A 110 1.36 36.33 5.34
C ASP A 110 2.25 35.14 5.74
N GLY A 111 2.17 34.04 4.98
CA GLY A 111 3.03 32.90 5.21
C GLY A 111 2.45 31.85 6.13
N SER A 112 1.25 32.09 6.64
CA SER A 112 0.64 31.13 7.54
C SER A 112 -0.07 30.01 6.79
N VAL A 113 -0.01 28.81 7.37
CA VAL A 113 -0.53 27.59 6.75
C VAL A 113 -1.54 26.96 7.71
N MET A 114 -2.66 26.47 7.18
CA MET A 114 -3.60 25.69 7.98
C MET A 114 -3.83 24.32 7.31
N PHE A 115 -3.68 23.27 8.10
CA PHE A 115 -3.75 21.90 7.57
C PHE A 115 -4.54 21.05 8.57
N ILE A 116 -5.61 20.42 8.10
CA ILE A 116 -6.53 19.70 9.00
C ILE A 116 -6.84 18.29 8.47
N PRO A 117 -5.92 17.34 8.66
CA PRO A 117 -6.20 15.97 8.22
C PRO A 117 -7.11 15.23 9.19
N ALA A 118 -8.00 14.41 8.65
CA ALA A 118 -8.83 13.50 9.43
C ALA A 118 -8.14 12.17 9.47
N GLN A 119 -8.14 11.52 10.62
CA GLN A 119 -7.39 10.28 10.78
C GLN A 119 -8.13 9.26 11.63
N ARG A 120 -7.77 7.99 11.44
CA ARG A 120 -8.14 6.93 12.37
C ARG A 120 -6.89 6.36 12.96
N LEU A 121 -6.91 6.18 14.28
CA LEU A 121 -5.73 5.79 15.03
C LEU A 121 -6.09 4.68 16.00
N SER A 122 -5.29 3.62 16.01
CA SER A 122 -5.32 2.68 17.12
C SER A 122 -4.17 3.04 18.03
N PHE A 123 -4.43 3.00 19.33
CA PHE A 123 -3.41 3.39 20.29
C PHE A 123 -3.57 2.64 21.62
N MET A 124 -2.49 2.58 22.40
CA MET A 124 -2.51 1.86 23.66
C MET A 124 -3.50 2.50 24.62
N CYS A 125 -4.40 1.69 25.17
CA CYS A 125 -5.39 2.15 26.14
C CYS A 125 -6.12 0.98 26.77
N ASP A 126 -6.02 0.88 28.08
CA ASP A 126 -6.74 -0.13 28.86
C ASP A 126 -8.16 0.37 29.08
N PRO A 127 -9.14 -0.29 28.45
CA PRO A 127 -10.53 0.16 28.52
C PRO A 127 -11.29 -0.41 29.70
N THR A 128 -10.59 -1.12 30.58
CA THR A 128 -11.21 -1.69 31.77
C THR A 128 -11.95 -0.60 32.56
N GLY A 129 -13.24 -0.81 32.79
CA GLY A 129 -14.07 0.18 33.46
C GLY A 129 -14.93 1.03 32.53
N VAL A 130 -14.89 0.74 31.23
CA VAL A 130 -15.60 1.57 30.24
C VAL A 130 -17.11 1.37 30.35
N ASP A 131 -17.51 0.23 30.90
CA ASP A 131 -18.93 -0.09 31.06
C ASP A 131 -19.56 0.43 32.35
N SER A 132 -18.76 1.05 33.21
CA SER A 132 -19.27 1.63 34.44
C SER A 132 -19.79 3.04 34.20
N GLU A 133 -20.25 3.69 35.27
CA GLU A 133 -20.73 5.06 35.18
C GLU A 133 -19.55 6.03 35.27
N GLU A 134 -18.46 5.58 35.88
CA GLU A 134 -17.26 6.39 36.02
C GLU A 134 -16.48 6.41 34.71
N GLY A 135 -16.63 5.35 33.93
CA GLY A 135 -15.93 5.24 32.68
C GLY A 135 -14.44 5.00 32.85
N VAL A 136 -13.69 5.32 31.80
CA VAL A 136 -12.26 5.09 31.80
C VAL A 136 -11.57 6.29 31.16
N THR A 137 -10.32 6.53 31.54
CA THR A 137 -9.53 7.61 30.99
C THR A 137 -8.36 7.05 30.17
N CYS A 138 -8.12 7.65 29.02
CA CYS A 138 -6.92 7.36 28.27
C CYS A 138 -6.22 8.62 27.78
N ALA A 139 -4.92 8.50 27.57
CA ALA A 139 -4.09 9.64 27.25
C ALA A 139 -3.22 9.42 26.01
N LEU A 140 -3.15 10.45 25.18
CA LEU A 140 -2.36 10.42 23.96
C LEU A 140 -1.39 11.56 23.95
N THR A 141 -0.15 11.29 23.55
CA THR A 141 0.81 12.36 23.39
C THR A 141 1.15 12.56 21.93
N PHE A 142 0.84 13.76 21.45
CA PHE A 142 1.12 14.14 20.08
C PHE A 142 2.28 15.14 20.08
N GLY A 143 3.35 14.82 19.36
CA GLY A 143 4.48 15.72 19.30
C GLY A 143 5.39 15.41 18.14
N SER A 144 6.34 16.31 17.87
CA SER A 144 7.33 16.07 16.84
C SER A 144 8.11 14.82 17.19
N TRP A 145 8.46 14.03 16.18
CA TRP A 145 9.24 12.83 16.42
C TRP A 145 10.75 13.15 16.54
N VAL A 146 11.25 14.09 15.74
CA VAL A 146 12.70 14.27 15.64
C VAL A 146 13.17 15.69 16.00
N TYR A 147 12.24 16.60 16.21
CA TYR A 147 12.63 17.97 16.56
C TYR A 147 12.38 18.26 18.02
N SER A 148 13.43 18.65 18.75
CA SER A 148 13.33 19.08 20.14
C SER A 148 12.61 20.43 20.25
N GLY A 149 12.33 20.84 21.50
CA GLY A 149 11.65 22.09 21.77
C GLY A 149 12.43 23.33 21.36
N PHE A 150 13.73 23.19 21.12
CA PHE A 150 14.52 24.31 20.60
C PHE A 150 14.34 24.50 19.09
N GLU A 151 13.55 23.63 18.45
CA GLU A 151 13.36 23.67 17.01
C GLU A 151 11.87 23.70 16.63
N ILE A 152 11.08 22.80 17.23
CA ILE A 152 9.64 22.90 17.14
C ILE A 152 9.01 23.04 18.53
N ASP A 153 8.32 24.15 18.74
CA ASP A 153 7.54 24.37 19.94
C ASP A 153 6.07 24.20 19.58
N LEU A 154 5.27 23.69 20.52
CA LEU A 154 3.85 23.51 20.27
C LEU A 154 3.04 24.42 21.19
N LYS A 155 1.85 24.82 20.74
CA LYS A 155 0.90 25.49 21.62
C LYS A 155 -0.51 25.10 21.22
N THR A 156 -1.47 25.39 22.09
CA THR A 156 -2.88 25.17 21.78
C THR A 156 -3.60 26.53 21.74
N ASP A 157 -4.82 26.56 21.20
CA ASP A 157 -5.63 27.78 21.24
C ASP A 157 -6.58 27.73 22.41
N THR A 158 -6.85 26.50 22.85
CA THR A 158 -7.86 26.23 23.85
C THR A 158 -7.43 24.95 24.52
N ASP A 159 -7.92 24.71 25.73
CA ASP A 159 -7.61 23.49 26.45
C ASP A 159 -8.69 22.44 26.19
N GLN A 160 -9.77 22.85 25.55
CA GLN A 160 -10.90 21.96 25.28
C GLN A 160 -10.79 21.32 23.93
N VAL A 161 -10.86 19.98 23.90
CA VAL A 161 -11.01 19.25 22.65
C VAL A 161 -12.37 19.60 22.05
N ASP A 162 -12.40 19.87 20.75
CA ASP A 162 -13.67 20.19 20.09
C ASP A 162 -14.54 18.93 19.94
N LEU A 163 -15.72 18.96 20.55
CA LEU A 163 -16.63 17.83 20.58
C LEU A 163 -17.90 18.15 19.81
N SER A 164 -17.96 19.34 19.21
CA SER A 164 -19.13 19.78 18.46
C SER A 164 -19.49 18.86 17.27
N SER A 165 -18.53 18.06 16.79
CA SER A 165 -18.78 17.12 15.71
C SER A 165 -18.82 15.68 16.19
N TYR A 166 -18.81 15.45 17.50
CA TYR A 166 -18.79 14.07 17.98
C TYR A 166 -20.08 13.31 17.62
N TYR A 167 -19.90 12.08 17.14
CA TYR A 167 -21.01 11.26 16.67
C TYR A 167 -21.97 10.92 17.81
N ALA A 168 -23.16 11.51 17.74
CA ALA A 168 -24.15 11.40 18.82
C ALA A 168 -24.64 9.98 19.07
N SER A 169 -24.44 9.08 18.11
CA SER A 169 -24.89 7.70 18.28
C SER A 169 -23.73 6.72 18.47
N SER A 170 -22.57 7.25 18.82
CA SER A 170 -21.40 6.44 19.13
C SER A 170 -21.71 5.40 20.20
N LYS A 171 -21.05 4.26 20.12
CA LYS A 171 -21.13 3.29 21.20
C LYS A 171 -20.61 3.88 22.52
N TYR A 172 -19.78 4.92 22.42
CA TYR A 172 -19.18 5.55 23.59
C TYR A 172 -19.46 7.05 23.66
N GLU A 173 -19.94 7.51 24.81
CA GLU A 173 -20.11 8.95 25.07
C GLU A 173 -18.90 9.53 25.79
N ILE A 174 -18.54 10.77 25.46
CA ILE A 174 -17.38 11.42 26.06
C ILE A 174 -17.76 12.19 27.32
N LEU A 175 -17.09 11.90 28.42
CA LEU A 175 -17.36 12.59 29.68
C LEU A 175 -16.52 13.85 29.79
N SER A 176 -15.29 13.77 29.27
CA SER A 176 -14.43 14.95 29.17
C SER A 176 -13.27 14.67 28.24
N ALA A 177 -12.71 15.73 27.68
CA ALA A 177 -11.61 15.60 26.74
C ALA A 177 -10.81 16.89 26.74
N THR A 178 -9.53 16.80 27.09
CA THR A 178 -8.70 18.00 27.12
C THR A 178 -7.42 17.82 26.32
N GLN A 179 -6.80 18.94 26.00
CA GLN A 179 -5.55 18.96 25.25
C GLN A 179 -4.59 19.94 25.93
N THR A 180 -3.43 19.44 26.35
CA THR A 180 -2.53 20.24 27.19
C THR A 180 -1.08 20.12 26.75
N ARG A 181 -0.48 21.27 26.46
CA ARG A 181 0.94 21.33 26.16
C ARG A 181 1.72 20.79 27.33
N GLN A 182 2.77 20.05 27.05
CA GLN A 182 3.59 19.51 28.11
C GLN A 182 4.97 19.22 27.54
N VAL A 183 5.95 19.02 28.40
CA VAL A 183 7.32 18.82 27.94
C VAL A 183 7.99 17.68 28.70
N GLN A 184 8.89 16.97 28.02
CA GLN A 184 9.65 15.93 28.70
C GLN A 184 10.97 15.65 28.00
N HIS A 185 11.84 14.95 28.70
CA HIS A 185 13.14 14.52 28.20
C HIS A 185 13.07 13.04 27.93
N TYR A 186 13.75 12.60 26.87
CA TYR A 186 13.90 11.18 26.57
C TYR A 186 15.34 10.74 26.81
N SER A 187 15.52 9.45 27.06
CA SER A 187 16.83 8.90 27.40
C SER A 187 17.90 9.07 26.33
N CYS A 188 17.49 9.06 25.07
CA CYS A 188 18.45 9.00 23.97
C CYS A 188 19.17 10.32 23.75
N CYS A 189 18.55 11.42 24.20
CA CYS A 189 18.89 12.75 23.71
C CYS A 189 18.87 13.85 24.79
N PRO A 190 19.76 14.86 24.67
CA PRO A 190 19.93 15.85 25.74
C PRO A 190 18.85 16.95 25.82
N GLU A 191 18.08 17.15 24.78
CA GLU A 191 17.19 18.30 24.73
C GLU A 191 15.74 17.93 25.08
N PRO A 192 14.96 18.88 25.62
CA PRO A 192 13.56 18.57 25.92
C PRO A 192 12.69 18.50 24.67
N TYR A 193 11.64 17.68 24.71
CA TYR A 193 10.72 17.56 23.59
C TYR A 193 9.35 18.05 24.02
N ILE A 194 8.63 18.70 23.11
CA ILE A 194 7.33 19.26 23.42
C ILE A 194 6.22 18.39 22.86
N ASP A 195 5.14 18.24 23.61
CA ASP A 195 3.98 17.53 23.09
C ASP A 195 2.69 18.13 23.60
N VAL A 196 1.60 17.80 22.91
CA VAL A 196 0.26 18.13 23.37
C VAL A 196 -0.38 16.84 23.83
N ASN A 197 -0.74 16.80 25.11
CA ASN A 197 -1.34 15.62 25.72
C ASN A 197 -2.86 15.65 25.62
N LEU A 198 -3.41 14.66 24.93
CA LEU A 198 -4.84 14.50 24.73
C LEU A 198 -5.37 13.53 25.78
N VAL A 199 -6.21 14.02 26.68
CA VAL A 199 -6.74 13.18 27.75
C VAL A 199 -8.25 13.06 27.62
N VAL A 200 -8.72 11.84 27.41
CA VAL A 200 -10.13 11.60 27.13
C VAL A 200 -10.74 10.58 28.09
N LYS A 201 -11.81 11.01 28.73
CA LYS A 201 -12.54 10.14 29.63
C LYS A 201 -13.86 9.80 28.95
N PHE A 202 -14.18 8.51 28.89
CA PHE A 202 -15.37 8.06 28.18
C PHE A 202 -16.00 6.83 28.82
N ARG A 203 -17.21 6.48 28.36
CA ARG A 203 -17.89 5.27 28.81
C ARG A 203 -18.85 4.72 27.75
N GLU A 204 -19.32 3.49 27.93
CA GLU A 204 -20.35 2.91 27.07
C GLU A 204 -21.64 3.69 27.20
N ARG A 205 -22.21 4.09 26.06
CA ARG A 205 -23.41 4.92 26.04
C ARG A 205 -24.64 4.10 26.42
N ARG A 206 -25.58 4.74 27.12
CA ARG A 206 -26.85 4.11 27.49
C ARG A 206 -27.97 5.14 27.53
N GLN B 1 18.14 27.81 6.91
CA GLN B 1 17.83 28.61 5.74
C GLN B 1 18.80 28.31 4.61
N ALA B 2 19.43 29.37 4.11
CA ALA B 2 20.24 29.32 2.88
C ALA B 2 21.48 28.44 3.01
N ASN B 3 22.15 28.50 4.15
CA ASN B 3 23.31 27.66 4.38
C ASN B 3 22.91 26.19 4.42
N LEU B 4 21.88 25.88 5.20
CA LEU B 4 21.38 24.52 5.32
C LEU B 4 20.99 23.97 3.95
N MET B 5 20.24 24.76 3.20
CA MET B 5 19.89 24.38 1.83
C MET B 5 21.15 24.13 1.00
N ARG B 6 22.13 25.02 1.09
CA ARG B 6 23.40 24.86 0.38
C ARG B 6 24.17 23.61 0.83
N LEU B 7 24.18 23.36 2.14
CA LEU B 7 24.90 22.20 2.68
C LEU B 7 24.32 20.88 2.17
N LYS B 8 23.01 20.73 2.27
CA LYS B 8 22.34 19.51 1.81
C LYS B 8 22.62 19.31 0.33
N SER B 9 22.57 20.40 -0.43
CA SER B 9 22.91 20.40 -1.84
C SER B 9 24.30 19.82 -2.11
N ASP B 10 25.32 20.24 -1.35
CA ASP B 10 26.67 19.73 -1.55
C ASP B 10 26.84 18.25 -1.18
N LEU B 11 26.20 17.83 -0.09
CA LEU B 11 26.32 16.46 0.36
C LEU B 11 25.62 15.46 -0.57
N PHE B 12 24.38 15.77 -0.93
CA PHE B 12 23.54 14.83 -1.66
C PHE B 12 23.60 14.99 -3.18
N ASN B 13 23.47 16.22 -3.66
CA ASN B 13 23.30 16.48 -5.09
C ASN B 13 24.59 16.60 -5.90
N ARG B 14 25.72 16.71 -5.23
CA ARG B 14 27.00 16.84 -5.94
C ARG B 14 27.76 15.52 -6.00
N SER B 15 27.90 14.88 -4.84
CA SER B 15 28.55 13.57 -4.77
C SER B 15 27.48 12.48 -4.93
N PRO B 16 27.80 11.39 -5.65
CA PRO B 16 26.85 10.29 -5.77
C PRO B 16 26.67 9.62 -4.42
N MET B 17 25.54 8.96 -4.19
CA MET B 17 25.25 8.37 -2.89
C MET B 17 26.29 7.31 -2.50
N TYR B 18 26.49 7.17 -1.20
CA TYR B 18 27.35 6.15 -0.61
C TYR B 18 26.87 4.77 -1.07
N PRO B 19 27.79 3.95 -1.59
CA PRO B 19 27.38 2.66 -2.14
C PRO B 19 27.26 1.57 -1.07
N GLY B 20 27.31 1.94 0.20
CA GLY B 20 27.28 0.96 1.28
C GLY B 20 28.66 0.46 1.66
N PRO B 21 28.74 -0.32 2.75
CA PRO B 21 30.04 -0.83 3.22
C PRO B 21 30.58 -1.98 2.37
N THR B 22 31.88 -2.20 2.46
CA THR B 22 32.57 -3.29 1.78
C THR B 22 33.62 -3.83 2.75
N LYS B 23 34.27 -4.93 2.39
CA LYS B 23 35.33 -5.49 3.24
C LYS B 23 36.45 -4.47 3.45
N ASP B 24 36.76 -3.69 2.42
CA ASP B 24 37.81 -2.68 2.51
C ASP B 24 37.40 -1.50 3.39
N ASP B 25 36.12 -1.13 3.35
CA ASP B 25 35.63 -0.05 4.21
C ASP B 25 34.42 -0.47 5.04
N PRO B 26 34.66 -1.36 6.02
CA PRO B 26 33.58 -1.89 6.87
C PRO B 26 33.00 -0.79 7.73
N LEU B 27 31.83 -1.07 8.29
CA LEU B 27 31.07 -0.07 9.04
C LEU B 27 30.51 -0.69 10.31
N THR B 28 30.52 0.08 11.40
CA THR B 28 29.92 -0.39 12.65
C THR B 28 28.64 0.37 13.00
N VAL B 29 27.57 -0.38 13.21
CA VAL B 29 26.27 0.18 13.54
C VAL B 29 25.93 -0.13 15.00
N THR B 30 25.65 0.92 15.76
CA THR B 30 25.25 0.75 17.16
C THR B 30 23.74 0.66 17.26
N LEU B 31 23.25 -0.35 17.96
CA LEU B 31 21.80 -0.57 18.05
C LEU B 31 21.37 -0.61 19.50
N GLY B 32 20.21 -0.01 19.76
CA GLY B 32 19.62 -0.03 21.08
C GLY B 32 18.11 -0.08 20.92
N PHE B 33 17.45 -0.88 21.73
CA PHE B 33 16.01 -1.07 21.62
C PHE B 33 15.22 -0.46 22.77
N THR B 34 14.09 0.16 22.45
CA THR B 34 13.19 0.67 23.46
C THR B 34 11.80 0.08 23.26
N LEU B 35 11.38 -0.71 24.22
CA LEU B 35 10.20 -1.51 24.06
C LEU B 35 8.99 -0.79 24.66
N GLN B 36 7.97 -0.54 23.84
CA GLN B 36 6.78 0.22 24.28
C GLN B 36 5.60 -0.64 24.72
N ASP B 37 5.36 -1.76 24.02
CA ASP B 37 4.16 -2.56 24.28
C ASP B 37 4.22 -3.91 23.60
N ILE B 38 3.89 -4.96 24.35
CA ILE B 38 3.49 -6.23 23.76
C ILE B 38 1.98 -6.17 23.60
N VAL B 39 1.53 -6.01 22.37
CA VAL B 39 0.12 -5.77 22.08
C VAL B 39 -0.69 -7.05 22.17
N LYS B 40 -0.13 -8.12 21.61
CA LYS B 40 -0.95 -9.26 21.25
C LYS B 40 -0.16 -10.54 21.27
N VAL B 41 -0.83 -11.60 21.69
CA VAL B 41 -0.25 -12.93 21.70
C VAL B 41 -1.23 -13.88 21.04
N ASP B 42 -0.79 -14.55 19.98
CA ASP B 42 -1.63 -15.51 19.28
C ASP B 42 -1.07 -16.93 19.44
N SER B 43 -1.71 -17.73 20.29
CA SER B 43 -1.29 -19.11 20.55
C SER B 43 -1.75 -20.10 19.48
N SER B 44 -2.59 -19.67 18.54
CA SER B 44 -3.02 -20.58 17.49
C SER B 44 -2.03 -20.55 16.32
N THR B 45 -1.18 -19.54 16.29
CA THR B 45 -0.19 -19.39 15.22
C THR B 45 1.22 -19.15 15.72
N ASN B 46 1.39 -19.12 17.04
CA ASN B 46 2.66 -18.76 17.68
C ASN B 46 3.26 -17.48 17.11
N GLU B 47 2.49 -16.41 17.14
CA GLU B 47 3.01 -15.10 16.82
C GLU B 47 2.80 -14.15 17.99
N VAL B 48 3.72 -13.22 18.17
CA VAL B 48 3.55 -12.15 19.15
C VAL B 48 3.75 -10.83 18.44
N ASP B 49 2.93 -9.84 18.81
CA ASP B 49 3.03 -8.51 18.22
C ASP B 49 3.67 -7.54 19.21
N LEU B 50 4.60 -6.75 18.71
CA LEU B 50 5.45 -5.95 19.57
C LEU B 50 5.58 -4.56 18.99
N VAL B 51 5.40 -3.54 19.84
CA VAL B 51 5.66 -2.17 19.44
C VAL B 51 6.92 -1.69 20.18
N TYR B 52 7.88 -1.20 19.42
CA TYR B 52 9.17 -0.80 19.98
C TYR B 52 9.74 0.26 19.06
N TYR B 53 10.68 1.04 19.56
CA TYR B 53 11.52 1.75 18.64
C TYR B 53 12.97 1.32 18.75
N GLU B 54 13.70 1.60 17.69
CA GLU B 54 15.01 1.02 17.51
C GLU B 54 15.97 2.13 17.16
N ARG B 55 16.88 2.39 18.06
CA ARG B 55 17.85 3.46 17.88
C ARG B 55 19.07 2.95 17.14
N GLN B 56 19.37 3.60 16.01
CA GLN B 56 20.45 3.18 15.13
C GLN B 56 21.45 4.32 14.95
N ARG B 57 22.73 4.01 15.11
CA ARG B 57 23.76 5.00 14.93
C ARG B 57 24.92 4.45 14.08
N TRP B 58 25.41 5.28 13.17
CA TRP B 58 26.59 4.93 12.39
C TRP B 58 27.31 6.21 11.96
N LYS B 59 28.50 6.07 11.37
CA LYS B 59 29.28 7.22 10.96
C LYS B 59 29.85 7.02 9.57
N LEU B 60 29.68 8.01 8.69
CA LEU B 60 30.27 7.96 7.36
C LEU B 60 31.20 9.13 7.09
N ASN B 61 32.43 8.84 6.68
CA ASN B 61 33.36 9.90 6.23
C ASN B 61 32.74 10.84 5.20
N SER B 62 31.93 10.27 4.30
CA SER B 62 31.34 11.04 3.20
C SER B 62 30.19 11.97 3.63
N LEU B 63 29.83 11.92 4.90
CA LEU B 63 28.80 12.82 5.40
C LEU B 63 29.40 13.94 6.25
N MET B 64 30.74 14.01 6.30
CA MET B 64 31.43 15.03 7.09
C MET B 64 31.43 16.40 6.42
N TRP B 65 31.44 17.45 7.22
CA TRP B 65 31.63 18.79 6.70
C TRP B 65 32.22 19.70 7.78
N ASP B 66 32.85 20.78 7.35
CA ASP B 66 33.37 21.80 8.25
C ASP B 66 32.31 22.86 8.49
N PRO B 67 31.81 22.96 9.72
CA PRO B 67 30.78 23.95 10.08
C PRO B 67 31.13 25.41 9.76
N ASN B 68 32.39 25.82 9.83
CA ASN B 68 32.73 27.20 9.47
C ASN B 68 32.51 27.47 7.99
N GLU B 69 32.42 26.40 7.20
CA GLU B 69 32.17 26.58 5.78
C GLU B 69 30.67 26.69 5.47
N TYR B 70 29.82 26.39 6.46
CA TYR B 70 28.37 26.39 6.26
C TYR B 70 27.60 27.10 7.39
N GLY B 71 27.94 28.35 7.66
CA GLY B 71 27.23 29.13 8.65
C GLY B 71 27.07 28.46 10.01
N ASN B 72 28.14 27.80 10.47
CA ASN B 72 28.17 27.16 11.78
C ASN B 72 27.15 26.05 12.02
N ILE B 73 26.62 25.49 10.94
CA ILE B 73 25.73 24.33 11.05
C ILE B 73 26.48 23.10 11.55
N THR B 74 26.01 22.51 12.63
CA THR B 74 26.70 21.34 13.21
C THR B 74 25.92 20.05 12.96
N ASP B 75 24.65 20.19 12.57
CA ASP B 75 23.79 19.03 12.34
C ASP B 75 22.47 19.42 11.66
N PHE B 76 21.78 18.43 11.09
CA PHE B 76 20.51 18.68 10.45
C PHE B 76 19.65 17.42 10.36
N ARG B 77 18.34 17.63 10.29
CA ARG B 77 17.40 16.55 10.07
C ARG B 77 17.16 16.39 8.59
N THR B 78 17.15 15.14 8.12
CA THR B 78 16.88 14.87 6.72
C THR B 78 16.09 13.56 6.55
N SER B 79 15.32 13.47 5.47
CA SER B 79 14.51 12.29 5.22
C SER B 79 15.42 11.08 5.16
N ALA B 80 14.98 9.97 5.74
CA ALA B 80 15.77 8.74 5.72
C ALA B 80 16.06 8.29 4.29
N ALA B 81 15.17 8.65 3.37
CA ALA B 81 15.35 8.31 1.97
C ALA B 81 16.50 9.06 1.30
N ASP B 82 16.93 10.17 1.90
CA ASP B 82 18.00 10.98 1.31
C ASP B 82 19.39 10.41 1.56
N ILE B 83 19.48 9.42 2.42
CA ILE B 83 20.78 8.89 2.79
C ILE B 83 20.76 7.38 2.78
N TRP B 84 21.93 6.78 2.75
CA TRP B 84 22.04 5.34 2.95
C TRP B 84 21.64 4.99 4.38
N THR B 85 20.95 3.87 4.55
CA THR B 85 20.68 3.33 5.90
C THR B 85 21.00 1.84 5.94
N PRO B 86 21.37 1.32 7.14
CA PRO B 86 21.65 -0.11 7.24
C PRO B 86 20.40 -0.97 7.06
N ASP B 87 20.58 -2.14 6.46
CA ASP B 87 19.46 -3.05 6.22
C ASP B 87 19.16 -3.96 7.43
N ILE B 88 19.10 -3.39 8.63
CA ILE B 88 18.77 -4.15 9.83
C ILE B 88 17.39 -4.83 9.70
N THR B 89 17.34 -6.13 10.00
CA THR B 89 16.13 -6.92 9.76
C THR B 89 15.82 -7.82 10.95
N ALA B 90 14.54 -7.93 11.34
CA ALA B 90 14.16 -8.94 12.34
C ALA B 90 14.00 -10.25 11.60
N TYR B 91 14.81 -11.23 11.96
CA TYR B 91 14.87 -12.50 11.25
C TYR B 91 13.62 -13.34 11.48
N GLU B 92 12.97 -13.14 12.62
CA GLU B 92 11.84 -13.98 13.02
C GLU B 92 10.49 -13.38 12.65
N SER B 93 10.47 -12.31 11.87
CA SER B 93 9.20 -11.67 11.54
C SER B 93 8.30 -12.55 10.69
N THR B 94 7.00 -12.45 10.92
CA THR B 94 6.04 -13.20 10.13
C THR B 94 5.14 -12.30 9.30
N ARG B 95 5.30 -10.98 9.44
CA ARG B 95 4.58 -10.00 8.63
C ARG B 95 5.55 -8.86 8.29
N PRO B 96 5.32 -8.13 7.20
CA PRO B 96 6.19 -6.97 6.99
C PRO B 96 6.07 -6.00 8.17
N VAL B 97 7.20 -5.48 8.63
CA VAL B 97 7.19 -4.52 9.73
C VAL B 97 6.33 -3.31 9.36
N GLN B 98 5.59 -2.79 10.33
CA GLN B 98 4.75 -1.63 10.12
C GLN B 98 5.39 -0.41 10.80
N VAL B 99 5.75 0.60 10.01
CA VAL B 99 6.43 1.78 10.50
C VAL B 99 5.47 2.74 11.18
N LEU B 100 5.78 3.16 12.41
CA LEU B 100 4.85 4.00 13.19
C LEU B 100 5.27 5.46 13.31
N SER B 101 6.48 5.77 12.86
CA SER B 101 7.02 7.12 13.03
C SER B 101 7.51 7.70 11.70
N PRO B 102 7.66 9.03 11.63
CA PRO B 102 8.27 9.67 10.45
C PRO B 102 9.65 9.07 10.22
N GLN B 103 10.07 8.96 8.97
CA GLN B 103 11.37 8.36 8.68
C GLN B 103 12.41 9.45 8.41
N ILE B 104 12.84 10.10 9.49
CA ILE B 104 13.73 11.24 9.43
C ILE B 104 14.96 10.93 10.27
N ALA B 105 16.14 11.11 9.70
CA ALA B 105 17.37 10.87 10.42
C ALA B 105 18.01 12.21 10.77
N VAL B 106 18.93 12.18 11.74
CA VAL B 106 19.75 13.34 12.05
C VAL B 106 21.20 13.07 11.68
N VAL B 107 21.77 13.99 10.93
CA VAL B 107 23.15 13.90 10.50
C VAL B 107 23.97 15.01 11.15
N THR B 108 25.12 14.64 11.70
CA THR B 108 26.02 15.57 12.37
C THR B 108 27.28 15.79 11.55
N HIS B 109 27.90 16.95 11.73
CA HIS B 109 29.03 17.40 10.94
C HIS B 109 30.24 16.48 10.97
N ASP B 110 30.34 15.65 12.00
CA ASP B 110 31.42 14.65 12.06
C ASP B 110 31.11 13.40 11.25
N GLY B 111 29.96 13.40 10.56
CA GLY B 111 29.61 12.30 9.68
C GLY B 111 28.71 11.26 10.31
N SER B 112 28.37 11.44 11.58
CA SER B 112 27.59 10.43 12.28
C SER B 112 26.09 10.63 12.06
N VAL B 113 25.35 9.54 12.13
CA VAL B 113 23.93 9.57 11.81
C VAL B 113 23.19 8.92 12.95
N MET B 114 22.03 9.47 13.28
CA MET B 114 21.14 8.82 14.22
C MET B 114 19.76 8.68 13.60
N PHE B 115 19.20 7.48 13.69
CA PHE B 115 17.90 7.15 13.09
C PHE B 115 17.16 6.26 14.09
N ILE B 116 15.93 6.64 14.43
CA ILE B 116 15.18 5.94 15.46
C ILE B 116 13.76 5.61 15.00
N PRO B 117 13.63 4.61 14.11
CA PRO B 117 12.29 4.25 13.64
C PRO B 117 11.49 3.51 14.73
N ALA B 118 10.22 3.89 14.88
CA ALA B 118 9.27 3.17 15.73
C ALA B 118 8.49 2.18 14.85
N GLN B 119 8.24 0.97 15.36
CA GLN B 119 7.70 -0.10 14.54
C GLN B 119 6.72 -1.01 15.27
N ARG B 120 5.78 -1.59 14.54
CA ARG B 120 5.04 -2.75 15.07
C ARG B 120 5.45 -4.02 14.33
N LEU B 121 5.84 -5.03 15.08
CA LEU B 121 6.35 -6.25 14.48
C LEU B 121 5.56 -7.44 14.97
N SER B 122 5.20 -8.33 14.04
CA SER B 122 4.69 -9.65 14.35
C SER B 122 5.83 -10.62 14.14
N PHE B 123 6.15 -11.44 15.14
CA PHE B 123 7.27 -12.36 15.00
C PHE B 123 6.96 -13.73 15.59
N MET B 124 7.75 -14.75 15.20
CA MET B 124 7.55 -16.12 15.67
C MET B 124 7.90 -16.22 17.13
N CYS B 125 6.98 -16.75 17.92
CA CYS B 125 7.23 -16.95 19.34
C CYS B 125 6.16 -17.85 19.95
N ASP B 126 6.59 -18.91 20.62
CA ASP B 126 5.66 -19.80 21.31
C ASP B 126 5.37 -19.27 22.73
N PRO B 127 4.17 -18.73 22.93
CA PRO B 127 3.77 -18.04 24.15
C PRO B 127 3.17 -18.97 25.19
N THR B 128 3.40 -20.27 25.03
CA THR B 128 2.88 -21.23 25.99
C THR B 128 3.51 -20.94 27.35
N GLY B 129 2.67 -20.75 28.36
CA GLY B 129 3.14 -20.37 29.67
C GLY B 129 3.00 -18.89 30.00
N VAL B 130 2.47 -18.12 29.07
CA VAL B 130 2.34 -16.67 29.23
C VAL B 130 1.36 -16.31 30.36
N ASP B 131 0.46 -17.23 30.69
CA ASP B 131 -0.54 -17.00 31.72
C ASP B 131 -0.10 -17.55 33.07
N SER B 132 1.19 -17.87 33.17
CA SER B 132 1.74 -18.38 34.42
C SER B 132 2.52 -17.27 35.10
N GLU B 133 2.89 -17.50 36.36
CA GLU B 133 3.70 -16.53 37.10
C GLU B 133 5.11 -16.44 36.52
N GLU B 134 5.67 -17.57 36.15
CA GLU B 134 7.04 -17.59 35.62
C GLU B 134 7.11 -16.99 34.23
N GLY B 135 5.99 -17.00 33.52
CA GLY B 135 5.90 -16.33 32.24
C GLY B 135 6.49 -17.13 31.09
N VAL B 136 6.92 -16.42 30.06
CA VAL B 136 7.40 -17.06 28.85
C VAL B 136 8.54 -16.22 28.28
N THR B 137 9.51 -16.88 27.67
CA THR B 137 10.66 -16.18 27.12
C THR B 137 10.66 -16.26 25.60
N CYS B 138 10.89 -15.13 24.96
CA CYS B 138 11.00 -15.09 23.51
C CYS B 138 12.23 -14.35 23.01
N ALA B 139 12.71 -14.75 21.85
CA ALA B 139 13.97 -14.22 21.33
C ALA B 139 13.82 -13.67 19.92
N LEU B 140 14.39 -12.49 19.71
CA LEU B 140 14.35 -11.80 18.43
C LEU B 140 15.77 -11.51 17.98
N THR B 141 16.02 -11.71 16.69
CA THR B 141 17.35 -11.58 16.11
C THR B 141 17.35 -10.44 15.10
N PHE B 142 18.02 -9.33 15.43
CA PHE B 142 18.11 -8.22 14.49
C PHE B 142 19.50 -8.12 13.89
N GLY B 143 19.59 -8.07 12.57
CA GLY B 143 20.88 -7.96 11.92
C GLY B 143 20.74 -7.59 10.47
N SER B 144 21.88 -7.33 9.84
CA SER B 144 21.89 -7.05 8.41
C SER B 144 21.41 -8.30 7.70
N TRP B 145 20.66 -8.11 6.62
CA TRP B 145 20.22 -9.24 5.77
C TRP B 145 21.34 -9.69 4.84
N VAL B 146 22.11 -8.74 4.31
CA VAL B 146 23.04 -9.10 3.23
C VAL B 146 24.51 -8.80 3.50
N TYR B 147 24.81 -8.12 4.61
CA TYR B 147 26.21 -7.82 4.93
C TYR B 147 26.73 -8.70 6.05
N SER B 148 27.83 -9.40 5.79
CA SER B 148 28.47 -10.20 6.83
C SER B 148 29.18 -9.31 7.83
N GLY B 149 29.77 -9.93 8.86
CA GLY B 149 30.58 -9.23 9.83
C GLY B 149 31.80 -8.52 9.25
N PHE B 150 32.19 -8.87 8.02
CA PHE B 150 33.32 -8.22 7.37
C PHE B 150 32.93 -6.86 6.77
N GLU B 151 31.62 -6.62 6.68
CA GLU B 151 31.11 -5.41 6.07
C GLU B 151 30.33 -4.54 7.07
N ILE B 152 29.50 -5.18 7.88
CA ILE B 152 28.78 -4.49 8.95
C ILE B 152 28.89 -5.25 10.28
N ASP B 153 29.50 -4.59 11.25
CA ASP B 153 29.60 -5.08 12.62
C ASP B 153 28.54 -4.34 13.44
N LEU B 154 28.10 -4.95 14.53
CA LEU B 154 27.08 -4.33 15.36
C LEU B 154 27.56 -4.19 16.79
N LYS B 155 26.97 -3.21 17.48
CA LYS B 155 27.08 -3.18 18.94
C LYS B 155 25.86 -2.57 19.63
N THR B 156 25.79 -2.81 20.93
CA THR B 156 24.84 -2.15 21.79
C THR B 156 25.64 -1.17 22.62
N ASP B 157 25.00 -0.12 23.12
CA ASP B 157 25.67 0.73 24.10
C ASP B 157 25.49 0.13 25.49
N THR B 158 24.40 -0.62 25.66
CA THR B 158 24.18 -1.37 26.89
C THR B 158 23.49 -2.71 26.63
N ASP B 159 23.56 -3.59 27.62
CA ASP B 159 23.00 -4.92 27.52
C ASP B 159 21.56 -4.95 28.02
N GLN B 160 21.16 -3.91 28.72
CA GLN B 160 19.84 -3.82 29.27
C GLN B 160 18.96 -3.05 28.31
N VAL B 161 17.84 -3.65 27.92
CA VAL B 161 16.85 -2.98 27.09
C VAL B 161 16.17 -1.87 27.91
N ASP B 162 15.73 -0.81 27.23
CA ASP B 162 15.07 0.31 27.90
C ASP B 162 13.60 -0.01 28.14
N LEU B 163 13.23 -0.13 29.40
CA LEU B 163 11.87 -0.52 29.78
C LEU B 163 11.07 0.59 30.47
N SER B 164 11.68 1.77 30.53
CA SER B 164 11.10 2.86 31.33
C SER B 164 9.95 3.55 30.63
N SER B 165 9.80 3.29 29.34
CA SER B 165 8.67 3.81 28.58
C SER B 165 7.63 2.72 28.32
N TYR B 166 7.80 1.54 28.91
CA TYR B 166 6.86 0.46 28.62
C TYR B 166 5.46 0.81 29.12
N TYR B 167 4.45 0.62 28.28
CA TYR B 167 3.08 0.94 28.67
C TYR B 167 2.61 0.16 29.89
N ALA B 168 2.29 0.90 30.97
CA ALA B 168 2.00 0.29 32.27
C ALA B 168 0.66 -0.45 32.33
N SER B 169 -0.19 -0.25 31.33
CA SER B 169 -1.46 -0.95 31.33
C SER B 169 -1.57 -1.95 30.19
N SER B 170 -0.43 -2.40 29.69
CA SER B 170 -0.39 -3.47 28.68
C SER B 170 -1.10 -4.71 29.22
N LYS B 171 -1.52 -5.61 28.33
CA LYS B 171 -2.07 -6.88 28.79
C LYS B 171 -0.94 -7.70 29.37
N TYR B 172 0.27 -7.43 28.92
CA TYR B 172 1.44 -8.21 29.30
C TYR B 172 2.47 -7.36 30.01
N GLU B 173 3.02 -7.90 31.08
CA GLU B 173 4.07 -7.22 31.82
C GLU B 173 5.40 -7.90 31.56
N ILE B 174 6.45 -7.09 31.47
CA ILE B 174 7.79 -7.55 31.13
C ILE B 174 8.51 -7.86 32.41
N LEU B 175 9.18 -9.00 32.46
CA LEU B 175 9.96 -9.38 33.63
C LEU B 175 11.41 -8.95 33.45
N SER B 176 11.89 -9.06 32.22
CA SER B 176 13.27 -8.72 31.87
C SER B 176 13.42 -8.66 30.36
N ALA B 177 14.39 -7.90 29.90
CA ALA B 177 14.66 -7.81 28.48
C ALA B 177 16.12 -7.40 28.29
N THR B 178 16.84 -8.19 27.52
CA THR B 178 18.26 -7.99 27.29
C THR B 178 18.54 -7.93 25.80
N GLN B 179 19.64 -7.30 25.44
CA GLN B 179 19.99 -7.13 24.04
C GLN B 179 21.49 -7.38 23.96
N THR B 180 21.87 -8.39 23.16
CA THR B 180 23.23 -8.92 23.20
C THR B 180 23.73 -9.21 21.80
N ARG B 181 24.92 -8.72 21.47
CA ARG B 181 25.55 -8.96 20.20
C ARG B 181 25.86 -10.45 20.04
N GLN B 182 25.56 -11.04 18.88
CA GLN B 182 25.98 -12.41 18.64
C GLN B 182 26.40 -12.70 17.17
N VAL B 183 27.19 -13.75 17.01
CA VAL B 183 27.82 -14.10 15.74
C VAL B 183 27.31 -15.45 15.30
N GLN B 184 26.89 -15.54 14.03
CA GLN B 184 26.30 -16.75 13.46
C GLN B 184 26.76 -17.00 12.03
N HIS B 185 26.77 -18.26 11.62
CA HIS B 185 26.91 -18.60 10.21
C HIS B 185 25.60 -19.07 9.62
N TYR B 186 25.51 -19.01 8.29
CA TYR B 186 24.32 -19.44 7.58
C TYR B 186 24.69 -20.41 6.46
N SER B 187 23.77 -21.31 6.12
CA SER B 187 24.04 -22.41 5.18
C SER B 187 24.56 -21.92 3.84
N CYS B 188 23.96 -20.85 3.35
CA CYS B 188 24.23 -20.34 2.01
C CYS B 188 25.62 -19.72 1.87
N CYS B 189 26.17 -19.26 2.97
CA CYS B 189 27.28 -18.31 2.92
C CYS B 189 28.41 -18.71 3.85
N PRO B 190 29.66 -18.35 3.50
CA PRO B 190 30.82 -18.77 4.29
C PRO B 190 31.21 -17.78 5.40
N GLU B 191 30.73 -16.55 5.34
CA GLU B 191 31.17 -15.53 6.31
C GLU B 191 30.22 -15.44 7.51
N PRO B 192 30.77 -15.09 8.68
CA PRO B 192 29.93 -14.89 9.86
C PRO B 192 29.11 -13.62 9.72
N TYR B 193 27.90 -13.64 10.28
CA TYR B 193 26.99 -12.52 10.28
C TYR B 193 26.72 -12.11 11.72
N ILE B 194 26.53 -10.82 11.94
CA ILE B 194 26.38 -10.30 13.29
C ILE B 194 24.94 -9.90 13.51
N ASP B 195 24.45 -10.14 14.72
CA ASP B 195 23.12 -9.68 15.07
C ASP B 195 23.07 -9.24 16.52
N VAL B 196 22.03 -8.50 16.87
CA VAL B 196 21.74 -8.25 18.26
C VAL B 196 20.56 -9.13 18.64
N ASN B 197 20.77 -9.97 19.64
CA ASN B 197 19.73 -10.88 20.10
C ASN B 197 18.96 -10.28 21.26
N LEU B 198 17.70 -9.96 20.99
CA LEU B 198 16.79 -9.38 21.96
C LEU B 198 15.98 -10.47 22.64
N VAL B 199 16.24 -10.70 23.92
CA VAL B 199 15.51 -11.70 24.68
C VAL B 199 14.59 -11.03 25.68
N VAL B 200 13.29 -11.27 25.51
CA VAL B 200 12.27 -10.70 26.37
C VAL B 200 11.54 -11.79 27.15
N LYS B 201 11.43 -11.62 28.46
CA LYS B 201 10.64 -12.53 29.29
C LYS B 201 9.41 -11.78 29.80
N PHE B 202 8.23 -12.36 29.60
CA PHE B 202 6.99 -11.67 29.93
C PHE B 202 5.85 -12.62 30.31
N ARG B 203 4.76 -12.03 30.81
CA ARG B 203 3.57 -12.77 31.22
C ARG B 203 2.34 -11.86 31.23
N GLU B 204 1.17 -12.46 31.39
CA GLU B 204 -0.08 -11.69 31.44
C GLU B 204 -0.15 -10.88 32.73
N ARG B 205 -0.59 -9.62 32.61
CA ARG B 205 -0.69 -8.74 33.75
C ARG B 205 -1.84 -9.17 34.65
N ARG B 206 -1.53 -9.53 35.89
CA ARG B 206 -2.55 -9.89 36.86
C ARG B 206 -2.29 -9.22 38.22
N ALA B 207 -3.27 -9.33 39.11
CA ALA B 207 -3.19 -8.79 40.48
C ALA B 207 -2.79 -7.32 40.52
N GLN C 1 33.11 3.50 -1.42
CA GLN C 1 34.19 4.37 -1.87
C GLN C 1 34.26 4.55 -3.38
N ALA C 2 35.35 5.20 -3.81
CA ALA C 2 35.52 5.66 -5.18
C ALA C 2 35.34 4.58 -6.24
N ASN C 3 36.11 3.51 -6.13
CA ASN C 3 36.11 2.45 -7.13
C ASN C 3 34.76 1.75 -7.26
N LEU C 4 34.05 1.61 -6.15
CA LEU C 4 32.76 0.92 -6.18
C LEU C 4 31.68 1.77 -6.84
N MET C 5 31.66 3.06 -6.50
CA MET C 5 30.73 4.00 -7.13
C MET C 5 31.00 4.08 -8.63
N ARG C 6 32.28 4.02 -9.02
CA ARG C 6 32.67 4.09 -10.41
C ARG C 6 32.20 2.84 -11.18
N LEU C 7 32.35 1.68 -10.55
CA LEU C 7 31.92 0.43 -11.13
C LEU C 7 30.40 0.40 -11.33
N LYS C 8 29.65 0.76 -10.30
CA LYS C 8 28.19 0.81 -10.38
C LYS C 8 27.73 1.82 -11.43
N SER C 9 28.46 2.93 -11.54
CA SER C 9 28.12 3.92 -12.55
C SER C 9 28.31 3.35 -13.96
N ASP C 10 29.46 2.72 -14.17
CA ASP C 10 29.77 2.14 -15.47
C ASP C 10 28.81 1.00 -15.85
N LEU C 11 28.30 0.29 -14.85
CA LEU C 11 27.41 -0.81 -15.13
C LEU C 11 25.98 -0.34 -15.41
N PHE C 12 25.50 0.63 -14.64
CA PHE C 12 24.08 0.98 -14.64
C PHE C 12 23.71 2.24 -15.41
N ASN C 13 24.69 3.12 -15.65
CA ASN C 13 24.43 4.40 -16.30
C ASN C 13 24.88 4.48 -17.76
N ARG C 14 25.81 3.62 -18.15
CA ARG C 14 26.29 3.60 -19.52
C ARG C 14 25.34 2.85 -20.45
N SER C 15 25.08 1.59 -20.12
CA SER C 15 24.10 0.81 -20.86
C SER C 15 22.86 0.59 -19.97
N PRO C 16 21.68 0.49 -20.60
CA PRO C 16 20.42 0.29 -19.85
C PRO C 16 20.32 -1.12 -19.28
N MET C 17 19.22 -1.39 -18.59
CA MET C 17 19.03 -2.66 -17.90
C MET C 17 18.86 -3.84 -18.85
N TYR C 18 19.27 -5.03 -18.40
CA TYR C 18 19.03 -6.26 -19.14
C TYR C 18 17.54 -6.38 -19.39
N PRO C 19 17.15 -6.58 -20.65
CA PRO C 19 15.73 -6.54 -21.03
C PRO C 19 15.01 -7.87 -20.82
N GLY C 20 15.66 -8.87 -20.24
CA GLY C 20 15.09 -10.20 -20.08
C GLY C 20 15.48 -11.15 -21.20
N PRO C 21 15.38 -12.46 -20.96
CA PRO C 21 15.80 -13.46 -21.95
C PRO C 21 14.87 -13.60 -23.16
N THR C 22 15.40 -14.19 -24.23
CA THR C 22 14.61 -14.52 -25.42
C THR C 22 14.86 -15.95 -25.88
N LYS C 23 14.09 -16.36 -26.89
CA LYS C 23 14.21 -17.64 -27.56
C LYS C 23 15.66 -17.97 -27.89
N ASP C 24 16.34 -16.96 -28.42
CA ASP C 24 17.67 -17.15 -28.97
C ASP C 24 18.74 -16.89 -27.93
N ASP C 25 18.31 -16.38 -26.78
CA ASP C 25 19.22 -16.11 -25.66
C ASP C 25 18.55 -16.45 -24.31
N PRO C 26 18.37 -17.74 -24.03
CA PRO C 26 17.66 -18.15 -22.83
C PRO C 26 18.53 -18.05 -21.59
N LEU C 27 17.88 -17.98 -20.43
CA LEU C 27 18.56 -17.86 -19.17
C LEU C 27 18.15 -19.00 -18.26
N THR C 28 19.12 -19.60 -17.60
CA THR C 28 18.86 -20.62 -16.61
C THR C 28 18.95 -20.01 -15.22
N VAL C 29 17.86 -20.15 -14.47
CA VAL C 29 17.78 -19.63 -13.12
C VAL C 29 17.81 -20.77 -12.13
N THR C 30 18.66 -20.68 -11.12
CA THR C 30 18.74 -21.73 -10.10
C THR C 30 17.93 -21.30 -8.88
N LEU C 31 17.23 -22.26 -8.26
CA LEU C 31 16.25 -21.99 -7.22
C LEU C 31 16.38 -22.97 -6.06
N GLY C 32 16.42 -22.45 -4.84
CA GLY C 32 16.42 -23.27 -3.66
C GLY C 32 15.46 -22.68 -2.67
N PHE C 33 14.80 -23.52 -1.88
CA PHE C 33 13.89 -22.98 -0.89
C PHE C 33 14.38 -23.34 0.47
N THR C 34 14.19 -22.40 1.40
CA THR C 34 14.55 -22.61 2.79
C THR C 34 13.30 -22.33 3.55
N LEU C 35 12.74 -23.37 4.18
N LEU C 35 12.71 -23.37 4.15
CA LEU C 35 11.50 -23.24 4.92
CA LEU C 35 11.48 -23.22 4.91
C LEU C 35 11.78 -22.76 6.34
C LEU C 35 11.78 -22.75 6.33
N GLN C 36 11.16 -21.65 6.72
CA GLN C 36 11.36 -21.09 8.07
C GLN C 36 10.26 -21.44 9.05
N ASP C 37 9.01 -21.35 8.61
CA ASP C 37 7.88 -21.52 9.52
C ASP C 37 6.56 -21.71 8.77
N ILE C 38 5.82 -22.73 9.15
CA ILE C 38 4.42 -22.82 8.74
C ILE C 38 3.67 -22.13 9.87
N VAL C 39 3.12 -20.96 9.57
CA VAL C 39 2.63 -20.06 10.59
C VAL C 39 1.21 -20.40 10.99
N LYS C 40 0.42 -20.75 9.99
CA LYS C 40 -1.02 -20.78 10.13
C LYS C 40 -1.63 -21.80 9.19
N VAL C 41 -2.72 -22.39 9.65
CA VAL C 41 -3.45 -23.37 8.88
C VAL C 41 -4.91 -22.97 8.99
N ASP C 42 -5.63 -22.93 7.88
CA ASP C 42 -7.05 -22.55 7.92
C ASP C 42 -7.93 -23.61 7.25
N SER C 43 -8.60 -24.42 8.06
CA SER C 43 -9.38 -25.54 7.54
C SER C 43 -10.79 -25.14 7.11
N SER C 44 -11.15 -23.89 7.29
CA SER C 44 -12.44 -23.43 6.78
C SER C 44 -12.30 -22.95 5.34
N THR C 45 -11.08 -22.63 4.94
CA THR C 45 -10.88 -22.10 3.60
C THR C 45 -9.78 -22.82 2.83
N ASN C 46 -9.23 -23.88 3.42
CA ASN C 46 -8.11 -24.58 2.82
C ASN C 46 -6.96 -23.66 2.34
N GLU C 47 -6.48 -22.82 3.24
CA GLU C 47 -5.29 -21.98 3.01
C GLU C 47 -4.22 -22.26 4.07
N VAL C 48 -2.97 -22.33 3.64
CA VAL C 48 -1.86 -22.47 4.57
C VAL C 48 -0.88 -21.32 4.36
N ASP C 49 -0.36 -20.77 5.47
CA ASP C 49 0.57 -19.64 5.44
C ASP C 49 2.00 -20.11 5.74
N LEU C 50 2.92 -19.73 4.87
N LEU C 50 2.93 -19.77 4.85
CA LEU C 50 4.28 -20.24 4.86
CA LEU C 50 4.29 -20.26 4.92
C LEU C 50 5.28 -19.08 4.91
C LEU C 50 5.25 -19.07 4.95
N VAL C 51 6.33 -19.19 5.71
CA VAL C 51 7.42 -18.22 5.69
C VAL C 51 8.68 -18.94 5.22
N TYR C 52 9.29 -18.45 4.14
CA TYR C 52 10.40 -19.15 3.51
C TYR C 52 11.38 -18.16 2.86
N TYR C 53 12.62 -18.62 2.62
CA TYR C 53 13.57 -17.89 1.79
C TYR C 53 13.55 -18.50 0.42
N GLU C 54 13.75 -17.67 -0.58
CA GLU C 54 13.81 -18.13 -1.94
C GLU C 54 15.16 -17.75 -2.53
N ARG C 55 16.09 -18.71 -2.57
CA ARG C 55 17.42 -18.45 -3.13
C ARG C 55 17.44 -18.53 -4.65
N GLN C 56 17.66 -17.39 -5.29
CA GLN C 56 17.74 -17.35 -6.75
C GLN C 56 19.13 -17.01 -7.23
N ARG C 57 19.59 -17.72 -8.25
CA ARG C 57 20.88 -17.43 -8.86
C ARG C 57 20.77 -17.43 -10.38
N TRP C 58 21.41 -16.47 -11.02
CA TRP C 58 21.54 -16.46 -12.47
C TRP C 58 22.81 -15.71 -12.85
N LYS C 59 23.11 -15.66 -14.14
CA LYS C 59 24.38 -15.08 -14.61
C LYS C 59 24.18 -14.28 -15.89
N LEU C 60 24.75 -13.08 -15.94
CA LEU C 60 24.63 -12.20 -17.11
C LEU C 60 26.00 -11.68 -17.57
N ASN C 61 26.27 -11.78 -18.86
CA ASN C 61 27.51 -11.24 -19.40
C ASN C 61 27.58 -9.73 -19.23
N SER C 62 26.41 -9.08 -19.28
CA SER C 62 26.36 -7.62 -19.16
C SER C 62 26.66 -7.10 -17.75
N LEU C 63 26.84 -8.02 -16.80
CA LEU C 63 27.20 -7.62 -15.44
C LEU C 63 28.61 -8.07 -15.10
N MET C 64 29.38 -8.47 -16.12
CA MET C 64 30.77 -8.83 -15.92
C MET C 64 31.68 -7.61 -15.86
N TRP C 65 32.72 -7.70 -15.03
CA TRP C 65 33.80 -6.70 -15.07
C TRP C 65 35.15 -7.30 -14.70
N ASP C 66 36.20 -6.61 -15.15
CA ASP C 66 37.58 -6.92 -14.76
C ASP C 66 37.84 -6.31 -13.38
N PRO C 67 38.10 -7.14 -12.37
CA PRO C 67 38.31 -6.56 -11.03
C PRO C 67 39.56 -5.68 -10.97
N ASN C 68 40.56 -6.00 -11.79
CA ASN C 68 41.79 -5.22 -11.83
C ASN C 68 41.59 -3.81 -12.35
N GLU C 69 40.50 -3.61 -13.07
CA GLU C 69 40.14 -2.28 -13.55
C GLU C 69 39.35 -1.51 -12.49
N TYR C 70 39.06 -2.16 -11.37
CA TYR C 70 38.23 -1.54 -10.34
C TYR C 70 38.70 -1.83 -8.91
N GLY C 71 39.99 -1.67 -8.65
CA GLY C 71 40.52 -1.81 -7.30
C GLY C 71 40.29 -3.16 -6.67
N ASN C 72 40.49 -4.22 -7.45
CA ASN C 72 40.39 -5.60 -6.96
C ASN C 72 39.02 -5.96 -6.37
N ILE C 73 37.99 -5.17 -6.66
CA ILE C 73 36.63 -5.48 -6.22
C ILE C 73 36.09 -6.66 -6.99
N THR C 74 35.68 -7.71 -6.27
CA THR C 74 35.20 -8.93 -6.92
C THR C 74 33.69 -9.05 -6.94
N ASP C 75 33.02 -8.29 -6.08
CA ASP C 75 31.56 -8.37 -5.95
C ASP C 75 31.01 -7.16 -5.20
N PHE C 76 29.70 -6.98 -5.26
CA PHE C 76 29.08 -5.89 -4.51
C PHE C 76 27.58 -6.10 -4.29
N ARG C 77 27.07 -5.48 -3.22
CA ARG C 77 25.65 -5.47 -2.93
C ARG C 77 24.98 -4.31 -3.65
N THR C 78 23.77 -4.52 -4.14
CA THR C 78 22.98 -3.42 -4.69
C THR C 78 21.49 -3.72 -4.59
N SER C 79 20.70 -2.65 -4.49
CA SER C 79 19.26 -2.77 -4.45
C SER C 79 18.78 -3.66 -5.60
N ALA C 80 17.81 -4.52 -5.32
CA ALA C 80 17.32 -5.46 -6.33
C ALA C 80 16.67 -4.70 -7.47
N ALA C 81 16.25 -3.47 -7.19
CA ALA C 81 15.63 -2.63 -8.21
C ALA C 81 16.61 -2.10 -9.27
N ASP C 82 17.91 -2.21 -9.03
CA ASP C 82 18.91 -1.71 -9.99
C ASP C 82 19.18 -2.71 -11.10
N ILE C 83 18.73 -3.94 -10.92
CA ILE C 83 19.00 -4.97 -11.90
C ILE C 83 17.72 -5.66 -12.32
N TRP C 84 17.78 -6.37 -13.43
CA TRP C 84 16.70 -7.27 -13.82
C TRP C 84 16.68 -8.44 -12.84
N THR C 85 15.50 -8.83 -12.39
CA THR C 85 15.33 -10.01 -11.54
C THR C 85 14.25 -10.89 -12.16
N PRO C 86 14.35 -12.21 -11.96
CA PRO C 86 13.34 -13.10 -12.57
C PRO C 86 11.98 -13.03 -11.86
N ASP C 87 10.91 -13.24 -12.60
CA ASP C 87 9.56 -13.09 -12.09
C ASP C 87 9.00 -14.39 -11.50
N ILE C 88 9.80 -15.05 -10.66
CA ILE C 88 9.37 -16.28 -10.02
C ILE C 88 8.12 -16.05 -9.18
N THR C 89 7.10 -16.87 -9.41
CA THR C 89 5.80 -16.68 -8.77
C THR C 89 5.27 -18.00 -8.25
N ALA C 90 4.59 -17.98 -7.10
CA ALA C 90 3.86 -19.15 -6.61
C ALA C 90 2.52 -19.19 -7.33
N TYR C 91 2.25 -20.30 -8.01
CA TYR C 91 1.04 -20.38 -8.80
C TYR C 91 -0.23 -20.52 -7.93
N GLU C 92 -0.09 -21.15 -6.77
CA GLU C 92 -1.25 -21.47 -5.93
C GLU C 92 -1.52 -20.49 -4.77
N SER C 93 -0.99 -19.28 -4.85
CA SER C 93 -1.17 -18.34 -3.75
C SER C 93 -2.60 -17.81 -3.73
N THR C 94 -3.07 -17.39 -2.55
CA THR C 94 -4.44 -16.87 -2.44
C THR C 94 -4.46 -15.41 -1.97
N ARG C 95 -3.29 -14.86 -1.67
CA ARG C 95 -3.14 -13.49 -1.21
C ARG C 95 -1.84 -12.98 -1.79
N PRO C 96 -1.69 -11.67 -1.95
CA PRO C 96 -0.41 -11.17 -2.45
C PRO C 96 0.73 -11.58 -1.51
N VAL C 97 1.83 -12.04 -2.09
CA VAL C 97 2.98 -12.41 -1.29
C VAL C 97 3.48 -11.18 -0.49
N GLN C 98 3.91 -11.41 0.74
CA GLN C 98 4.46 -10.34 1.56
C GLN C 98 5.96 -10.52 1.72
N VAL C 99 6.71 -9.47 1.43
CA VAL C 99 8.15 -9.51 1.51
C VAL C 99 8.57 -9.17 2.95
N LEU C 100 9.51 -9.92 3.49
CA LEU C 100 9.89 -9.77 4.90
C LEU C 100 11.33 -9.27 5.04
N SER C 101 12.08 -9.29 3.95
CA SER C 101 13.50 -8.93 3.99
C SER C 101 13.80 -7.72 3.10
N PRO C 102 14.91 -7.01 3.38
CA PRO C 102 15.43 -6.06 2.39
C PRO C 102 15.57 -6.75 1.04
N GLN C 103 15.39 -6.02 -0.05
CA GLN C 103 15.52 -6.60 -1.38
C GLN C 103 16.81 -6.14 -2.05
N ILE C 104 17.89 -6.83 -1.73
CA ILE C 104 19.22 -6.44 -2.15
C ILE C 104 19.92 -7.68 -2.68
N ALA C 105 20.51 -7.55 -3.86
CA ALA C 105 21.23 -8.67 -4.47
C ALA C 105 22.74 -8.47 -4.33
N VAL C 106 23.47 -9.56 -4.53
CA VAL C 106 24.93 -9.51 -4.64
C VAL C 106 25.29 -9.84 -6.07
N VAL C 107 26.10 -8.98 -6.67
CA VAL C 107 26.56 -9.21 -8.03
C VAL C 107 28.05 -9.55 -7.96
N THR C 108 28.47 -10.59 -8.67
CA THR C 108 29.86 -11.02 -8.65
C THR C 108 30.49 -10.77 -10.01
N HIS C 109 31.80 -10.58 -10.05
CA HIS C 109 32.49 -10.05 -11.21
C HIS C 109 32.36 -10.93 -12.46
N ASP C 110 32.07 -12.20 -12.26
CA ASP C 110 31.83 -13.10 -13.38
C ASP C 110 30.42 -12.92 -13.96
N GLY C 111 29.66 -11.99 -13.38
CA GLY C 111 28.32 -11.68 -13.85
C GLY C 111 27.25 -12.47 -13.11
N SER C 112 27.66 -13.24 -12.12
CA SER C 112 26.71 -14.07 -11.39
C SER C 112 25.94 -13.22 -10.36
N VAL C 113 24.65 -13.48 -10.24
CA VAL C 113 23.82 -12.77 -9.28
C VAL C 113 23.20 -13.72 -8.27
N MET C 114 23.26 -13.35 -6.99
CA MET C 114 22.56 -14.08 -5.95
C MET C 114 21.55 -13.15 -5.26
N PHE C 115 20.32 -13.62 -5.09
CA PHE C 115 19.23 -12.83 -4.54
C PHE C 115 18.40 -13.76 -3.67
N ILE C 116 18.18 -13.36 -2.42
CA ILE C 116 17.53 -14.22 -1.45
C ILE C 116 16.48 -13.48 -0.61
N PRO C 117 15.30 -13.23 -1.19
CA PRO C 117 14.19 -12.61 -0.45
C PRO C 117 13.49 -13.58 0.50
N ALA C 118 13.11 -13.09 1.66
CA ALA C 118 12.26 -13.84 2.59
C ALA C 118 10.82 -13.36 2.45
N GLN C 119 9.86 -14.29 2.51
CA GLN C 119 8.47 -13.96 2.21
C GLN C 119 7.46 -14.74 3.05
N ARG C 120 6.25 -14.20 3.14
CA ARG C 120 5.12 -14.93 3.68
C ARG C 120 4.08 -15.15 2.58
N LEU C 121 3.66 -16.40 2.45
CA LEU C 121 2.76 -16.81 1.39
C LEU C 121 1.54 -17.54 1.96
N SER C 122 0.34 -17.05 1.64
CA SER C 122 -0.87 -17.84 1.82
C SER C 122 -1.13 -18.62 0.56
N PHE C 123 -1.34 -19.94 0.67
CA PHE C 123 -1.60 -20.74 -0.53
C PHE C 123 -2.64 -21.85 -0.32
N MET C 124 -3.16 -22.37 -1.43
CA MET C 124 -4.19 -23.40 -1.42
C MET C 124 -3.67 -24.71 -0.88
N CYS C 125 -4.23 -25.17 0.22
CA CYS C 125 -3.79 -26.41 0.83
C CYS C 125 -4.83 -26.95 1.79
N ASP C 126 -5.11 -28.24 1.66
CA ASP C 126 -6.07 -28.89 2.54
C ASP C 126 -5.32 -29.46 3.72
N PRO C 127 -5.56 -28.90 4.91
CA PRO C 127 -4.90 -29.34 6.13
C PRO C 127 -5.62 -30.50 6.82
N THR C 128 -6.53 -31.16 6.10
CA THR C 128 -7.22 -32.33 6.62
C THR C 128 -6.23 -33.42 6.99
N GLY C 129 -6.04 -33.62 8.29
CA GLY C 129 -5.12 -34.63 8.79
C GLY C 129 -3.87 -34.04 9.39
N VAL C 130 -3.80 -32.72 9.51
CA VAL C 130 -2.63 -32.06 10.08
C VAL C 130 -2.34 -32.52 11.53
N ASP C 131 -3.36 -32.99 12.23
CA ASP C 131 -3.23 -33.37 13.63
C ASP C 131 -2.96 -34.86 13.83
N SER C 132 -2.94 -35.61 12.74
CA SER C 132 -2.58 -37.02 12.81
C SER C 132 -1.08 -37.16 13.00
N GLU C 133 -0.60 -38.39 13.02
CA GLU C 133 0.83 -38.64 13.10
C GLU C 133 1.41 -38.71 11.68
N GLU C 134 0.59 -39.13 10.74
CA GLU C 134 0.98 -39.23 9.32
C GLU C 134 0.94 -37.86 8.65
N GLY C 135 0.40 -36.88 9.35
CA GLY C 135 0.34 -35.52 8.86
C GLY C 135 -0.42 -35.36 7.55
N VAL C 136 -0.17 -34.24 6.88
CA VAL C 136 -0.81 -33.94 5.61
C VAL C 136 0.25 -33.46 4.61
N THR C 137 0.00 -33.68 3.31
CA THR C 137 0.92 -33.21 2.28
C THR C 137 0.32 -32.10 1.45
N CYS C 138 1.16 -31.12 1.11
CA CYS C 138 0.75 -30.06 0.21
C CYS C 138 1.83 -29.73 -0.78
N ALA C 139 1.43 -29.17 -1.91
CA ALA C 139 2.38 -28.86 -2.95
C ALA C 139 2.19 -27.44 -3.48
N LEU C 140 3.30 -26.90 -3.96
CA LEU C 140 3.40 -25.52 -4.35
C LEU C 140 4.27 -25.52 -5.59
N THR C 141 3.81 -24.87 -6.66
CA THR C 141 4.64 -24.77 -7.85
C THR C 141 5.13 -23.34 -8.03
N PHE C 142 6.42 -23.19 -8.27
CA PHE C 142 7.06 -21.88 -8.43
C PHE C 142 7.68 -21.81 -9.81
N GLY C 143 7.39 -20.75 -10.55
CA GLY C 143 7.94 -20.60 -11.89
C GLY C 143 7.78 -19.19 -12.39
N SER C 144 8.47 -18.88 -13.49
CA SER C 144 8.28 -17.59 -14.14
C SER C 144 6.85 -17.46 -14.60
N TRP C 145 6.26 -16.31 -14.33
CA TRP C 145 4.88 -16.09 -14.70
C TRP C 145 4.74 -15.97 -16.22
N VAL C 146 5.70 -15.31 -16.86
CA VAL C 146 5.53 -14.90 -18.25
C VAL C 146 6.62 -15.42 -19.21
N TYR C 147 7.69 -16.03 -18.68
CA TYR C 147 8.71 -16.60 -19.55
C TYR C 147 8.56 -18.11 -19.65
N SER C 148 8.41 -18.59 -20.87
CA SER C 148 8.21 -20.01 -21.08
C SER C 148 9.54 -20.73 -21.04
N GLY C 149 9.47 -22.05 -21.16
CA GLY C 149 10.65 -22.90 -21.24
C GLY C 149 11.61 -22.56 -22.36
N PHE C 150 11.16 -21.77 -23.34
CA PHE C 150 12.03 -21.29 -24.41
C PHE C 150 12.94 -20.14 -23.94
N GLU C 151 12.50 -19.42 -22.90
CA GLU C 151 13.25 -18.25 -22.46
C GLU C 151 13.91 -18.45 -21.12
N ILE C 152 13.22 -19.10 -20.20
CA ILE C 152 13.79 -19.37 -18.89
C ILE C 152 13.74 -20.85 -18.55
N ASP C 153 14.90 -21.42 -18.22
CA ASP C 153 14.91 -22.73 -17.59
C ASP C 153 15.16 -22.56 -16.09
N LEU C 154 14.57 -23.44 -15.28
CA LEU C 154 14.84 -23.48 -13.86
C LEU C 154 15.57 -24.77 -13.52
N LYS C 155 16.40 -24.70 -12.49
CA LYS C 155 16.99 -25.90 -11.91
C LYS C 155 17.14 -25.71 -10.40
N THR C 156 17.29 -26.82 -9.70
CA THR C 156 17.53 -26.82 -8.27
C THR C 156 19.00 -27.18 -8.07
N ASP C 157 19.57 -26.85 -6.92
CA ASP C 157 20.94 -27.29 -6.62
C ASP C 157 20.89 -28.62 -5.91
N THR C 158 19.74 -28.87 -5.30
CA THR C 158 19.50 -30.13 -4.60
C THR C 158 18.02 -30.46 -4.68
N ASP C 159 17.68 -31.71 -4.40
CA ASP C 159 16.30 -32.14 -4.40
C ASP C 159 15.67 -31.79 -3.07
N GLN C 160 16.51 -31.52 -2.08
CA GLN C 160 16.04 -31.31 -0.71
C GLN C 160 15.89 -29.84 -0.36
N VAL C 161 14.73 -29.51 0.22
CA VAL C 161 14.50 -28.19 0.80
C VAL C 161 15.33 -28.02 2.07
N ASP C 162 15.93 -26.84 2.23
CA ASP C 162 16.74 -26.54 3.40
C ASP C 162 15.80 -26.39 4.62
N LEU C 163 15.93 -27.29 5.59
CA LEU C 163 15.12 -27.22 6.80
C LEU C 163 16.00 -26.92 8.02
N SER C 164 17.27 -26.61 7.79
CA SER C 164 18.23 -26.48 8.89
C SER C 164 17.96 -25.27 9.80
N SER C 165 17.26 -24.27 9.30
CA SER C 165 16.91 -23.11 10.13
C SER C 165 15.41 -22.96 10.37
N TYR C 166 14.68 -24.06 10.27
CA TYR C 166 13.24 -24.07 10.53
C TYR C 166 12.99 -23.73 11.98
N TYR C 167 11.90 -23.02 12.25
CA TYR C 167 11.63 -22.54 13.60
C TYR C 167 11.14 -23.65 14.53
N ALA C 168 11.99 -24.05 15.46
CA ALA C 168 11.70 -25.16 16.37
C ALA C 168 10.41 -25.05 17.18
N SER C 169 9.89 -23.84 17.35
CA SER C 169 8.73 -23.67 18.22
C SER C 169 7.47 -23.36 17.42
N SER C 170 7.42 -23.83 16.19
CA SER C 170 6.27 -23.63 15.33
C SER C 170 5.14 -24.58 15.74
N LYS C 171 3.89 -24.15 15.57
CA LYS C 171 2.74 -25.04 15.81
C LYS C 171 2.83 -26.29 14.96
N TYR C 172 3.65 -26.22 13.90
CA TYR C 172 3.78 -27.34 12.97
C TYR C 172 5.24 -27.68 12.77
N GLU C 173 5.51 -28.98 12.71
CA GLU C 173 6.84 -29.48 12.33
C GLU C 173 6.79 -30.16 10.96
N ILE C 174 7.95 -30.21 10.30
CA ILE C 174 8.06 -30.74 8.94
C ILE C 174 8.53 -32.19 8.93
N LEU C 175 7.72 -33.07 8.36
CA LEU C 175 8.14 -34.46 8.17
C LEU C 175 9.09 -34.58 6.98
N SER C 176 8.75 -33.94 5.87
CA SER C 176 9.61 -33.96 4.69
C SER C 176 9.28 -32.81 3.75
N ALA C 177 10.25 -32.44 2.92
CA ALA C 177 10.05 -31.34 1.98
C ALA C 177 10.99 -31.53 0.79
N THR C 178 10.44 -31.49 -0.42
CA THR C 178 11.25 -31.65 -1.62
C THR C 178 10.98 -30.54 -2.64
N GLN C 179 11.97 -30.29 -3.49
CA GLN C 179 11.85 -29.32 -4.56
C GLN C 179 12.32 -29.97 -5.85
N THR C 180 11.44 -29.96 -6.86
CA THR C 180 11.66 -30.73 -8.08
C THR C 180 11.23 -29.95 -9.31
N ARG C 181 12.08 -29.97 -10.34
CA ARG C 181 11.80 -29.26 -11.59
C ARG C 181 10.80 -30.07 -12.41
N GLN C 182 9.81 -29.40 -12.97
CA GLN C 182 8.85 -30.07 -13.85
C GLN C 182 8.40 -29.16 -14.98
N VAL C 183 7.99 -29.76 -16.09
CA VAL C 183 7.56 -28.99 -17.25
C VAL C 183 6.07 -29.20 -17.49
N GLN C 184 5.37 -28.12 -17.83
CA GLN C 184 3.90 -28.15 -17.87
C GLN C 184 3.30 -27.27 -18.96
N HIS C 185 2.13 -27.70 -19.44
CA HIS C 185 1.35 -26.92 -20.37
C HIS C 185 0.29 -26.09 -19.66
N TYR C 186 -0.01 -24.91 -20.19
CA TYR C 186 -1.13 -24.11 -19.72
C TYR C 186 -2.04 -23.78 -20.89
N SER C 187 -3.33 -23.69 -20.60
CA SER C 187 -4.37 -23.57 -21.62
C SER C 187 -4.19 -22.40 -22.57
N CYS C 188 -3.46 -21.37 -22.13
CA CYS C 188 -3.37 -20.12 -22.88
C CYS C 188 -2.34 -20.17 -24.01
N CYS C 189 -1.40 -21.09 -23.92
CA CYS C 189 -0.16 -20.99 -24.70
C CYS C 189 0.29 -22.36 -25.17
N PRO C 190 0.88 -22.43 -26.37
CA PRO C 190 1.45 -23.71 -26.80
C PRO C 190 2.83 -24.00 -26.18
N GLU C 191 3.59 -22.96 -25.82
CA GLU C 191 4.90 -23.16 -25.19
C GLU C 191 4.77 -23.69 -23.78
N PRO C 192 5.50 -24.76 -23.46
CA PRO C 192 5.51 -25.28 -22.09
C PRO C 192 6.23 -24.31 -21.14
N TYR C 193 5.85 -24.34 -19.86
CA TYR C 193 6.46 -23.53 -18.82
C TYR C 193 7.15 -24.41 -17.78
N ILE C 194 8.32 -23.98 -17.31
CA ILE C 194 9.06 -24.72 -16.30
C ILE C 194 8.72 -24.19 -14.94
N ASP C 195 8.48 -25.11 -14.01
CA ASP C 195 8.33 -24.73 -12.63
C ASP C 195 9.16 -25.64 -11.73
N VAL C 196 9.26 -25.24 -10.48
CA VAL C 196 9.83 -26.07 -9.43
C VAL C 196 8.69 -26.36 -8.47
N ASN C 197 8.51 -27.65 -8.21
CA ASN C 197 7.41 -28.13 -7.40
C ASN C 197 7.92 -28.40 -6.00
N LEU C 198 7.38 -27.64 -5.06
CA LEU C 198 7.73 -27.75 -3.65
C LEU C 198 6.71 -28.64 -2.98
N VAL C 199 7.14 -29.79 -2.49
CA VAL C 199 6.22 -30.72 -1.87
C VAL C 199 6.54 -30.83 -0.38
N VAL C 200 5.60 -30.44 0.47
CA VAL C 200 5.86 -30.39 1.90
C VAL C 200 4.86 -31.22 2.67
N LYS C 201 5.37 -32.05 3.56
CA LYS C 201 4.54 -32.88 4.43
C LYS C 201 4.82 -32.47 5.88
N PHE C 202 3.76 -32.14 6.60
CA PHE C 202 3.89 -31.58 7.94
C PHE C 202 2.75 -32.01 8.85
N ARG C 203 2.90 -31.74 10.14
CA ARG C 203 1.89 -32.09 11.14
C ARG C 203 1.98 -31.15 12.33
N GLU C 204 0.93 -31.15 13.16
CA GLU C 204 0.93 -30.29 14.32
C GLU C 204 1.89 -30.83 15.37
N ARG C 205 2.75 -29.96 15.89
CA ARG C 205 3.77 -30.41 16.83
C ARG C 205 3.21 -30.60 18.22
N ARG C 206 3.43 -31.78 18.79
CA ARG C 206 3.07 -32.03 20.18
C ARG C 206 4.07 -32.93 20.87
N GLN D 1 20.33 -8.35 -24.30
CA GLN D 1 20.89 -8.41 -25.66
C GLN D 1 20.59 -7.15 -26.47
N ALA D 2 21.55 -6.78 -27.32
CA ALA D 2 21.54 -5.50 -28.03
C ALA D 2 20.31 -5.27 -28.92
N ASN D 3 19.89 -6.29 -29.65
CA ASN D 3 18.74 -6.16 -30.55
C ASN D 3 17.46 -5.87 -29.79
N LEU D 4 17.24 -6.57 -28.69
CA LEU D 4 16.04 -6.38 -27.89
C LEU D 4 16.04 -5.01 -27.21
N MET D 5 17.18 -4.60 -26.66
CA MET D 5 17.31 -3.27 -26.07
C MET D 5 16.99 -2.19 -27.11
N ARG D 6 17.47 -2.40 -28.34
CA ARG D 6 17.25 -1.43 -29.41
C ARG D 6 15.79 -1.43 -29.84
N LEU D 7 15.18 -2.60 -29.82
CA LEU D 7 13.78 -2.75 -30.23
C LEU D 7 12.86 -2.05 -29.23
N LYS D 8 13.07 -2.34 -27.95
CA LYS D 8 12.27 -1.71 -26.91
C LYS D 8 12.40 -0.20 -27.00
N SER D 9 13.63 0.27 -27.20
CA SER D 9 13.90 1.69 -27.28
C SER D 9 13.12 2.35 -28.44
N ASP D 10 13.09 1.70 -29.60
CA ASP D 10 12.36 2.25 -30.74
C ASP D 10 10.85 2.26 -30.55
N LEU D 11 10.32 1.24 -29.89
CA LEU D 11 8.88 1.12 -29.68
C LEU D 11 8.37 2.07 -28.59
N PHE D 12 9.14 2.20 -27.51
CA PHE D 12 8.70 2.92 -26.31
C PHE D 12 9.29 4.33 -26.15
N ASN D 13 10.57 4.50 -26.42
CA ASN D 13 11.21 5.80 -26.25
C ASN D 13 10.85 6.83 -27.31
N ARG D 14 10.73 6.40 -28.57
CA ARG D 14 10.44 7.31 -29.69
C ARG D 14 9.09 8.01 -29.56
N SER D 15 8.05 7.38 -30.11
CA SER D 15 6.70 7.94 -30.08
C SER D 15 6.08 7.82 -28.69
N PRO D 16 5.14 8.73 -28.36
CA PRO D 16 4.42 8.61 -27.08
C PRO D 16 3.56 7.34 -27.01
N MET D 17 3.08 7.03 -25.80
CA MET D 17 2.29 5.83 -25.57
C MET D 17 0.95 5.88 -26.30
N TYR D 18 0.47 4.71 -26.69
CA TYR D 18 -0.85 4.56 -27.27
C TYR D 18 -1.87 5.10 -26.27
N PRO D 19 -2.71 6.05 -26.71
CA PRO D 19 -3.68 6.75 -25.85
C PRO D 19 -4.97 5.95 -25.57
N GLY D 20 -4.98 4.65 -25.84
CA GLY D 20 -6.20 3.88 -25.72
C GLY D 20 -7.07 3.98 -26.96
N PRO D 21 -8.13 3.16 -27.03
CA PRO D 21 -9.00 3.13 -28.20
C PRO D 21 -9.97 4.29 -28.25
N THR D 22 -10.44 4.63 -29.45
CA THR D 22 -11.39 5.72 -29.63
C THR D 22 -12.47 5.28 -30.61
N LYS D 23 -13.51 6.10 -30.74
CA LYS D 23 -14.57 5.86 -31.69
C LYS D 23 -14.02 5.73 -33.12
N ASP D 24 -13.01 6.52 -33.47
CA ASP D 24 -12.41 6.49 -34.81
C ASP D 24 -11.48 5.30 -35.01
N ASP D 25 -11.00 4.73 -33.91
CA ASP D 25 -10.08 3.60 -33.98
C ASP D 25 -10.42 2.57 -32.94
N PRO D 26 -11.53 1.85 -33.15
CA PRO D 26 -11.99 0.83 -32.21
C PRO D 26 -10.98 -0.30 -32.08
N LEU D 27 -11.09 -1.06 -30.99
CA LEU D 27 -10.12 -2.08 -30.66
C LEU D 27 -10.83 -3.32 -30.15
N THR D 28 -10.52 -4.47 -30.74
CA THR D 28 -10.98 -5.76 -30.24
C THR D 28 -10.16 -6.19 -29.03
N VAL D 29 -10.83 -6.51 -27.92
CA VAL D 29 -10.14 -7.06 -26.77
C VAL D 29 -10.75 -8.41 -26.44
N THR D 30 -9.92 -9.43 -26.33
CA THR D 30 -10.41 -10.79 -26.08
C THR D 30 -10.15 -11.21 -24.62
N LEU D 31 -11.14 -11.87 -24.04
CA LEU D 31 -11.13 -12.18 -22.62
C LEU D 31 -11.45 -13.65 -22.37
N GLY D 32 -10.74 -14.28 -21.45
CA GLY D 32 -11.08 -15.61 -21.03
C GLY D 32 -10.75 -15.79 -19.56
N PHE D 33 -11.53 -16.59 -18.85
CA PHE D 33 -11.31 -16.78 -17.42
C PHE D 33 -10.85 -18.19 -17.07
N THR D 34 -9.82 -18.25 -16.24
CA THR D 34 -9.31 -19.51 -15.72
C THR D 34 -9.58 -19.47 -14.23
N LEU D 35 -10.57 -20.23 -13.78
N LEU D 35 -10.60 -20.20 -13.78
CA LEU D 35 -10.98 -20.22 -12.38
CA LEU D 35 -10.97 -20.19 -12.37
C LEU D 35 -10.10 -21.15 -11.56
C LEU D 35 -10.06 -21.13 -11.59
N GLN D 36 -9.40 -20.58 -10.57
CA GLN D 36 -8.45 -21.36 -9.75
C GLN D 36 -9.07 -21.96 -8.49
N ASP D 37 -9.80 -21.13 -7.75
CA ASP D 37 -10.29 -21.53 -6.45
C ASP D 37 -11.38 -20.60 -5.96
N ILE D 38 -12.45 -21.19 -5.41
CA ILE D 38 -13.38 -20.43 -4.58
C ILE D 38 -12.87 -20.63 -3.15
N VAL D 39 -12.24 -19.58 -2.62
CA VAL D 39 -11.57 -19.67 -1.33
C VAL D 39 -12.56 -19.68 -0.18
N LYS D 40 -13.48 -18.74 -0.21
CA LYS D 40 -14.29 -18.43 0.96
C LYS D 40 -15.70 -17.99 0.59
N VAL D 41 -16.66 -18.41 1.40
CA VAL D 41 -18.03 -17.97 1.28
C VAL D 41 -18.44 -17.38 2.64
N ASP D 42 -19.05 -16.20 2.63
CA ASP D 42 -19.54 -15.55 3.84
C ASP D 42 -21.04 -15.26 3.73
N SER D 43 -21.85 -16.07 4.41
CA SER D 43 -23.29 -15.92 4.35
C SER D 43 -23.82 -14.86 5.31
N SER D 44 -22.93 -14.14 5.97
CA SER D 44 -23.37 -13.02 6.80
C SER D 44 -23.33 -11.71 6.03
N THR D 45 -22.55 -11.69 4.96
CA THR D 45 -22.40 -10.47 4.15
C THR D 45 -22.74 -10.72 2.68
N ASN D 46 -23.02 -11.98 2.34
CA ASN D 46 -23.15 -12.41 0.94
C ASN D 46 -22.02 -11.89 0.09
N GLU D 47 -20.83 -12.37 0.39
CA GLU D 47 -19.62 -12.08 -0.37
C GLU D 47 -18.92 -13.38 -0.65
N VAL D 48 -18.33 -13.51 -1.83
CA VAL D 48 -17.58 -14.70 -2.15
C VAL D 48 -16.21 -14.31 -2.65
N ASP D 49 -15.20 -15.07 -2.23
CA ASP D 49 -13.83 -14.82 -2.66
C ASP D 49 -13.41 -15.82 -3.74
N LEU D 50 -12.99 -15.26 -4.87
N LEU D 50 -12.96 -15.29 -4.87
CA LEU D 50 -12.50 -16.03 -6.00
CA LEU D 50 -12.55 -16.11 -6.01
C LEU D 50 -11.02 -15.78 -6.20
C LEU D 50 -11.12 -15.77 -6.41
N VAL D 51 -10.33 -16.79 -6.71
CA VAL D 51 -8.98 -16.60 -7.23
C VAL D 51 -9.00 -17.12 -8.68
N TYR D 52 -8.55 -16.29 -9.61
CA TYR D 52 -8.67 -16.60 -11.04
C TYR D 52 -7.61 -15.83 -11.83
N TYR D 53 -7.39 -16.26 -13.07
CA TYR D 53 -6.57 -15.55 -14.05
C TYR D 53 -7.52 -14.94 -15.05
N GLU D 54 -7.12 -13.81 -15.60
CA GLU D 54 -7.92 -13.16 -16.63
C GLU D 54 -7.02 -13.02 -17.84
N ARG D 55 -7.24 -13.87 -18.83
CA ARG D 55 -6.44 -13.84 -20.05
C ARG D 55 -6.94 -12.72 -20.98
N GLN D 56 -6.10 -11.72 -21.21
CA GLN D 56 -6.48 -10.57 -22.05
C GLN D 56 -5.58 -10.50 -23.29
N ARG D 57 -6.20 -10.23 -24.43
CA ARG D 57 -5.50 -10.16 -25.71
C ARG D 57 -6.02 -9.03 -26.57
N TRP D 58 -5.10 -8.33 -27.21
CA TRP D 58 -5.46 -7.28 -28.15
C TRP D 58 -4.27 -7.06 -29.03
N LYS D 59 -4.39 -6.17 -30.01
CA LYS D 59 -3.34 -6.01 -31.01
C LYS D 59 -3.22 -4.56 -31.47
N LEU D 60 -2.01 -4.01 -31.46
CA LEU D 60 -1.76 -2.62 -31.88
C LEU D 60 -0.77 -2.51 -33.02
N ASN D 61 -1.07 -1.66 -33.99
CA ASN D 61 -0.14 -1.41 -35.10
C ASN D 61 1.15 -0.78 -34.59
N SER D 62 1.03 0.07 -33.58
CA SER D 62 2.17 0.79 -33.02
C SER D 62 3.17 -0.14 -32.32
N LEU D 63 2.77 -1.39 -32.09
CA LEU D 63 3.68 -2.34 -31.46
C LEU D 63 4.21 -3.36 -32.44
N MET D 64 4.04 -3.11 -33.74
CA MET D 64 4.54 -4.05 -34.76
C MET D 64 5.99 -3.76 -35.08
N TRP D 65 6.72 -4.81 -35.43
CA TRP D 65 8.07 -4.64 -35.94
C TRP D 65 8.38 -5.76 -36.92
N ASP D 66 9.45 -5.57 -37.68
CA ASP D 66 9.95 -6.60 -38.59
C ASP D 66 11.17 -7.27 -37.96
N PRO D 67 11.02 -8.56 -37.58
CA PRO D 67 12.06 -9.34 -36.91
C PRO D 67 13.40 -9.29 -37.64
N ASN D 68 13.36 -9.23 -38.97
CA ASN D 68 14.58 -9.15 -39.77
C ASN D 68 15.48 -8.00 -39.34
N GLU D 69 14.86 -6.88 -38.94
CA GLU D 69 15.61 -5.69 -38.57
C GLU D 69 15.98 -5.69 -37.08
N TYR D 70 15.75 -6.81 -36.41
CA TYR D 70 16.05 -6.93 -34.98
C TYR D 70 16.45 -8.34 -34.57
N GLY D 71 17.41 -8.93 -35.28
CA GLY D 71 17.96 -10.23 -34.95
C GLY D 71 16.95 -11.37 -34.87
N ASN D 72 15.94 -11.30 -35.73
CA ASN D 72 14.87 -12.31 -35.80
C ASN D 72 14.08 -12.47 -34.51
N ILE D 73 14.11 -11.45 -33.66
CA ILE D 73 13.30 -11.40 -32.45
C ILE D 73 11.83 -11.35 -32.85
N THR D 74 11.05 -12.30 -32.35
CA THR D 74 9.63 -12.39 -32.70
C THR D 74 8.71 -12.00 -31.55
N ASP D 75 9.24 -12.01 -30.33
CA ASP D 75 8.48 -11.62 -29.15
C ASP D 75 9.36 -11.20 -27.98
N PHE D 76 8.80 -10.38 -27.08
CA PHE D 76 9.50 -10.03 -25.85
C PHE D 76 8.52 -9.82 -24.71
N ARG D 77 9.06 -9.80 -23.51
CA ARG D 77 8.27 -9.55 -22.31
C ARG D 77 8.54 -8.13 -21.88
N THR D 78 7.51 -7.46 -21.39
CA THR D 78 7.72 -6.11 -20.89
C THR D 78 6.72 -5.77 -19.79
N SER D 79 7.18 -4.92 -18.88
CA SER D 79 6.36 -4.43 -17.78
C SER D 79 5.06 -3.86 -18.32
N ALA D 80 3.95 -4.13 -17.62
CA ALA D 80 2.65 -3.65 -18.06
C ALA D 80 2.55 -2.12 -18.01
N ALA D 81 3.43 -1.49 -17.24
CA ALA D 81 3.47 -0.03 -17.16
C ALA D 81 4.05 0.60 -18.44
N ASP D 82 4.77 -0.19 -19.23
CA ASP D 82 5.37 0.32 -20.47
C ASP D 82 4.36 0.45 -21.61
N ILE D 83 3.20 -0.18 -21.46
CA ILE D 83 2.21 -0.19 -22.53
C ILE D 83 0.81 0.16 -22.04
N TRP D 84 -0.11 0.39 -22.96
CA TRP D 84 -1.49 0.57 -22.59
C TRP D 84 -2.09 -0.78 -22.26
N THR D 85 -2.98 -0.81 -21.27
CA THR D 85 -3.71 -2.04 -20.96
C THR D 85 -5.17 -1.69 -20.74
N PRO D 86 -6.09 -2.64 -21.02
CA PRO D 86 -7.52 -2.33 -20.87
C PRO D 86 -8.00 -2.25 -19.42
N ASP D 87 -8.95 -1.36 -19.15
CA ASP D 87 -9.48 -1.15 -17.82
C ASP D 87 -10.56 -2.16 -17.43
N ILE D 88 -10.31 -3.45 -17.67
CA ILE D 88 -11.33 -4.45 -17.39
C ILE D 88 -11.61 -4.52 -15.90
N THR D 89 -12.90 -4.46 -15.55
CA THR D 89 -13.33 -4.36 -14.16
C THR D 89 -14.44 -5.34 -13.83
N ALA D 90 -14.36 -5.96 -12.66
CA ALA D 90 -15.48 -6.74 -12.14
C ALA D 90 -16.47 -5.79 -11.48
N TYR D 91 -17.68 -5.75 -12.02
CA TYR D 91 -18.68 -4.76 -11.63
C TYR D 91 -19.26 -4.98 -10.23
N GLU D 92 -19.28 -6.22 -9.78
CA GLU D 92 -19.88 -6.55 -8.50
C GLU D 92 -18.86 -6.75 -7.37
N SER D 93 -17.61 -6.32 -7.58
CA SER D 93 -16.60 -6.46 -6.53
C SER D 93 -17.00 -5.66 -5.31
N THR D 94 -16.57 -6.11 -4.13
CA THR D 94 -16.88 -5.38 -2.90
C THR D 94 -15.59 -4.93 -2.18
N ARG D 95 -14.45 -5.35 -2.69
CA ARG D 95 -13.16 -4.94 -2.13
C ARG D 95 -12.25 -4.70 -3.32
N PRO D 96 -11.19 -3.89 -3.12
CA PRO D 96 -10.24 -3.77 -4.22
C PRO D 96 -9.57 -5.11 -4.55
N VAL D 97 -9.39 -5.34 -5.84
CA VAL D 97 -8.82 -6.58 -6.34
C VAL D 97 -7.38 -6.71 -5.85
N GLN D 98 -7.00 -7.93 -5.46
CA GLN D 98 -5.66 -8.16 -4.97
C GLN D 98 -4.89 -8.88 -6.06
N VAL D 99 -3.76 -8.31 -6.47
CA VAL D 99 -2.99 -8.81 -7.60
C VAL D 99 -2.01 -9.90 -7.16
N LEU D 100 -2.08 -11.08 -7.80
CA LEU D 100 -1.29 -12.22 -7.35
C LEU D 100 -0.07 -12.53 -8.23
N SER D 101 0.03 -11.86 -9.37
CA SER D 101 1.05 -12.20 -10.36
C SER D 101 1.84 -10.96 -10.74
N PRO D 102 3.06 -11.12 -11.27
CA PRO D 102 3.84 -9.98 -11.74
C PRO D 102 3.13 -9.26 -12.91
N GLN D 103 3.19 -7.94 -12.94
CA GLN D 103 2.50 -7.16 -13.97
C GLN D 103 3.35 -7.07 -15.23
N ILE D 104 3.43 -8.17 -15.96
CA ILE D 104 4.29 -8.22 -17.13
C ILE D 104 3.50 -8.82 -18.29
N ALA D 105 3.68 -8.29 -19.49
CA ALA D 105 2.98 -8.78 -20.65
C ALA D 105 3.95 -9.27 -21.71
N VAL D 106 3.45 -10.04 -22.68
CA VAL D 106 4.24 -10.48 -23.83
C VAL D 106 3.73 -9.81 -25.09
N VAL D 107 4.65 -9.24 -25.85
CA VAL D 107 4.33 -8.58 -27.12
C VAL D 107 4.92 -9.40 -28.27
N THR D 108 4.13 -9.63 -29.32
CA THR D 108 4.60 -10.36 -30.50
C THR D 108 4.75 -9.41 -31.69
N HIS D 109 5.64 -9.75 -32.63
CA HIS D 109 6.04 -8.86 -33.73
C HIS D 109 4.88 -8.39 -34.60
N ASP D 110 3.77 -9.11 -34.56
CA ASP D 110 2.60 -8.68 -35.30
C ASP D 110 1.81 -7.62 -34.53
N GLY D 111 2.27 -7.27 -33.32
CA GLY D 111 1.66 -6.20 -32.54
C GLY D 111 0.68 -6.67 -31.47
N SER D 112 0.55 -7.98 -31.34
CA SER D 112 -0.43 -8.51 -30.41
C SER D 112 0.19 -8.65 -29.04
N VAL D 113 -0.62 -8.43 -28.01
CA VAL D 113 -0.17 -8.43 -26.64
C VAL D 113 -1.00 -9.44 -25.88
N MET D 114 -0.36 -10.18 -24.98
CA MET D 114 -1.10 -11.01 -24.04
C MET D 114 -0.71 -10.63 -22.62
N PHE D 115 -1.71 -10.40 -21.79
CA PHE D 115 -1.52 -9.97 -20.40
C PHE D 115 -2.42 -10.88 -19.61
N ILE D 116 -1.86 -11.60 -18.64
CA ILE D 116 -2.68 -12.53 -17.85
C ILE D 116 -2.53 -12.31 -16.34
N PRO D 117 -3.22 -11.30 -15.80
CA PRO D 117 -3.16 -11.04 -14.36
C PRO D 117 -3.99 -12.04 -13.56
N ALA D 118 -3.35 -12.67 -12.57
CA ALA D 118 -4.02 -13.49 -11.58
C ALA D 118 -4.48 -12.59 -10.42
N GLN D 119 -5.65 -12.87 -9.86
CA GLN D 119 -6.31 -11.93 -8.97
C GLN D 119 -7.12 -12.66 -7.93
N ARG D 120 -7.24 -12.06 -6.75
CA ARG D 120 -8.22 -12.49 -5.76
C ARG D 120 -9.29 -11.42 -5.67
N LEU D 121 -10.54 -11.84 -5.80
CA LEU D 121 -11.64 -10.91 -5.86
C LEU D 121 -12.76 -11.30 -4.89
N SER D 122 -13.22 -10.34 -4.09
CA SER D 122 -14.44 -10.49 -3.31
C SER D 122 -15.60 -9.84 -4.07
N PHE D 123 -16.71 -10.56 -4.20
CA PHE D 123 -17.86 -10.00 -4.89
C PHE D 123 -19.15 -10.43 -4.22
N MET D 124 -20.24 -9.78 -4.61
CA MET D 124 -21.54 -10.03 -4.01
C MET D 124 -22.14 -11.30 -4.57
N CYS D 125 -22.49 -12.22 -3.69
CA CYS D 125 -23.12 -13.47 -4.07
C CYS D 125 -23.81 -14.05 -2.86
N ASP D 126 -25.07 -14.44 -3.02
CA ASP D 126 -25.84 -15.05 -1.94
C ASP D 126 -25.64 -16.56 -1.96
N PRO D 127 -24.85 -17.06 -1.00
CA PRO D 127 -24.49 -18.47 -0.96
C PRO D 127 -25.48 -19.29 -0.12
N THR D 128 -26.77 -18.98 -0.23
CA THR D 128 -27.79 -19.82 0.39
C THR D 128 -28.06 -21.00 -0.53
N GLY D 129 -27.74 -22.22 -0.07
CA GLY D 129 -27.95 -23.42 -0.85
C GLY D 129 -26.67 -24.09 -1.31
N VAL D 130 -25.54 -23.53 -0.89
CA VAL D 130 -24.23 -24.04 -1.27
C VAL D 130 -24.00 -25.42 -0.66
N ASP D 131 -24.73 -25.70 0.43
CA ASP D 131 -24.57 -26.93 1.18
C ASP D 131 -25.42 -28.07 0.65
N SER D 132 -26.22 -27.79 -0.38
CA SER D 132 -27.06 -28.80 -1.00
C SER D 132 -26.32 -29.44 -2.18
N GLU D 133 -26.99 -30.35 -2.89
CA GLU D 133 -26.36 -30.96 -4.06
C GLU D 133 -26.74 -30.27 -5.38
N GLU D 134 -27.86 -29.54 -5.36
CA GLU D 134 -28.21 -28.70 -6.50
C GLU D 134 -27.31 -27.45 -6.55
N GLY D 135 -26.66 -27.16 -5.44
CA GLY D 135 -25.70 -26.07 -5.37
C GLY D 135 -26.27 -24.67 -5.56
N VAL D 136 -25.38 -23.68 -5.67
CA VAL D 136 -25.80 -22.30 -5.89
C VAL D 136 -25.17 -21.69 -7.15
N THR D 137 -25.85 -20.71 -7.72
CA THR D 137 -25.41 -20.03 -8.93
C THR D 137 -25.05 -18.57 -8.61
N CYS D 138 -23.96 -18.09 -9.17
CA CYS D 138 -23.62 -16.68 -9.02
C CYS D 138 -23.14 -16.04 -10.31
N ALA D 139 -23.55 -14.81 -10.53
CA ALA D 139 -23.21 -14.09 -11.74
C ALA D 139 -22.26 -12.95 -11.44
N LEU D 140 -21.39 -12.65 -12.39
CA LEU D 140 -20.30 -11.71 -12.20
C LEU D 140 -20.08 -11.11 -13.58
N THR D 141 -20.04 -9.78 -13.69
CA THR D 141 -19.87 -9.18 -15.01
C THR D 141 -18.62 -8.32 -15.15
N PHE D 142 -17.75 -8.73 -16.06
CA PHE D 142 -16.51 -8.01 -16.31
C PHE D 142 -16.63 -7.16 -17.56
N GLY D 143 -16.06 -5.96 -17.52
CA GLY D 143 -16.07 -5.10 -18.68
C GLY D 143 -15.24 -3.87 -18.46
N SER D 144 -15.00 -3.13 -19.54
CA SER D 144 -14.33 -1.85 -19.42
C SER D 144 -15.19 -0.93 -18.57
N TRP D 145 -14.54 -0.14 -17.74
CA TRP D 145 -15.27 0.78 -16.88
C TRP D 145 -15.77 1.98 -17.67
N VAL D 146 -14.89 2.50 -18.55
CA VAL D 146 -15.15 3.80 -19.18
C VAL D 146 -15.30 3.76 -20.72
N TYR D 147 -14.96 2.63 -21.35
CA TYR D 147 -15.08 2.50 -22.80
C TYR D 147 -16.33 1.76 -23.25
N SER D 148 -17.16 2.42 -24.06
CA SER D 148 -18.33 1.77 -24.64
C SER D 148 -17.98 0.75 -25.73
N GLY D 149 -19.00 0.11 -26.29
CA GLY D 149 -18.82 -0.80 -27.40
C GLY D 149 -18.52 -0.09 -28.71
N PHE D 150 -18.53 1.25 -28.70
CA PHE D 150 -18.06 2.01 -29.86
C PHE D 150 -16.53 2.07 -29.86
N GLU D 151 -15.92 1.78 -28.72
CA GLU D 151 -14.48 1.88 -28.60
C GLU D 151 -13.82 0.52 -28.39
N ILE D 152 -14.41 -0.30 -27.53
CA ILE D 152 -13.85 -1.60 -27.26
C ILE D 152 -14.81 -2.69 -27.70
N ASP D 153 -14.37 -3.48 -28.67
CA ASP D 153 -15.11 -4.66 -29.12
C ASP D 153 -14.66 -5.82 -28.24
N LEU D 154 -15.40 -6.04 -27.15
CA LEU D 154 -15.05 -7.07 -26.17
C LEU D 154 -15.64 -8.40 -26.58
N LYS D 155 -14.86 -9.45 -26.50
CA LYS D 155 -15.35 -10.76 -26.86
C LYS D 155 -14.60 -11.83 -26.10
N THR D 156 -15.16 -13.03 -26.07
CA THR D 156 -14.47 -14.20 -25.54
C THR D 156 -13.99 -14.99 -26.73
N ASP D 157 -13.09 -15.96 -26.50
CA ASP D 157 -12.78 -16.97 -27.52
C ASP D 157 -13.78 -18.11 -27.48
N THR D 158 -13.91 -18.70 -26.29
CA THR D 158 -14.85 -19.79 -26.08
C THR D 158 -15.86 -19.31 -25.04
N ASP D 159 -17.01 -19.99 -24.97
CA ASP D 159 -18.03 -19.65 -23.98
C ASP D 159 -17.83 -20.47 -22.71
N GLN D 160 -16.85 -21.38 -22.75
CA GLN D 160 -16.59 -22.20 -21.58
C GLN D 160 -15.44 -21.63 -20.76
N VAL D 161 -15.69 -21.52 -19.47
CA VAL D 161 -14.66 -21.11 -18.53
C VAL D 161 -13.63 -22.22 -18.37
N ASP D 162 -12.37 -21.82 -18.36
CA ASP D 162 -11.25 -22.74 -18.24
C ASP D 162 -11.12 -23.23 -16.79
N LEU D 163 -11.43 -24.52 -16.58
CA LEU D 163 -11.50 -25.12 -15.26
C LEU D 163 -10.42 -26.20 -15.08
N SER D 164 -9.43 -26.20 -15.96
CA SER D 164 -8.41 -27.25 -15.98
C SER D 164 -7.35 -27.03 -14.91
N SER D 165 -7.45 -25.91 -14.22
CA SER D 165 -6.51 -25.53 -13.16
C SER D 165 -7.23 -25.44 -11.83
N TYR D 166 -8.52 -25.74 -11.80
CA TYR D 166 -9.26 -25.57 -10.56
C TYR D 166 -8.76 -26.51 -9.48
N TYR D 167 -8.48 -25.93 -8.31
CA TYR D 167 -7.95 -26.66 -7.18
C TYR D 167 -8.85 -27.83 -6.77
N ALA D 168 -8.31 -29.04 -6.89
CA ALA D 168 -9.09 -30.26 -6.68
C ALA D 168 -9.58 -30.43 -5.25
N SER D 169 -8.91 -29.75 -4.31
CA SER D 169 -9.22 -29.97 -2.90
C SER D 169 -9.89 -28.76 -2.27
N SER D 170 -10.36 -27.86 -3.11
CA SER D 170 -11.09 -26.69 -2.66
C SER D 170 -12.27 -27.10 -1.79
N LYS D 171 -12.71 -26.21 -0.91
CA LYS D 171 -13.94 -26.45 -0.15
C LYS D 171 -15.14 -26.53 -1.09
N TYR D 172 -14.98 -25.99 -2.29
CA TYR D 172 -16.08 -25.91 -3.24
C TYR D 172 -15.75 -26.50 -4.60
N GLU D 173 -16.69 -27.28 -5.13
CA GLU D 173 -16.56 -27.85 -6.46
C GLU D 173 -17.43 -27.07 -7.44
N ILE D 174 -16.94 -26.92 -8.67
CA ILE D 174 -17.68 -26.23 -9.70
C ILE D 174 -18.60 -27.19 -10.45
N LEU D 175 -19.87 -26.81 -10.56
CA LEU D 175 -20.85 -27.61 -11.30
C LEU D 175 -20.90 -27.17 -12.76
N SER D 176 -20.77 -25.87 -12.97
CA SER D 176 -20.73 -25.29 -14.32
C SER D 176 -20.30 -23.83 -14.25
N ALA D 177 -19.65 -23.36 -15.30
CA ALA D 177 -19.10 -22.01 -15.33
C ALA D 177 -19.07 -21.53 -16.78
N THR D 178 -19.88 -20.53 -17.10
CA THR D 178 -19.94 -20.02 -18.47
C THR D 178 -19.45 -18.59 -18.56
N GLN D 179 -19.03 -18.19 -19.76
CA GLN D 179 -18.60 -16.82 -20.01
C GLN D 179 -19.17 -16.31 -21.34
N THR D 180 -19.97 -15.26 -21.26
CA THR D 180 -20.77 -14.85 -22.40
C THR D 180 -20.81 -13.34 -22.58
N ARG D 181 -20.58 -12.89 -23.80
CA ARG D 181 -20.68 -11.48 -24.16
C ARG D 181 -22.11 -10.99 -24.09
N GLN D 182 -22.32 -9.85 -23.43
CA GLN D 182 -23.64 -9.20 -23.46
C GLN D 182 -23.53 -7.69 -23.54
N VAL D 183 -24.61 -7.07 -24.00
CA VAL D 183 -24.63 -5.64 -24.29
C VAL D 183 -25.61 -5.01 -23.33
N GLN D 184 -25.17 -3.96 -22.66
CA GLN D 184 -25.98 -3.34 -21.63
C GLN D 184 -25.93 -1.82 -21.76
N HIS D 185 -27.01 -1.16 -21.36
CA HIS D 185 -27.01 0.29 -21.23
C HIS D 185 -27.04 0.70 -19.76
N TYR D 186 -26.42 1.85 -19.46
CA TYR D 186 -26.36 2.37 -18.10
C TYR D 186 -26.92 3.78 -18.06
N SER D 187 -27.50 4.15 -16.92
CA SER D 187 -28.18 5.44 -16.74
C SER D 187 -27.38 6.66 -17.21
N CYS D 188 -26.09 6.66 -16.92
CA CYS D 188 -25.26 7.86 -17.11
C CYS D 188 -25.07 8.26 -18.57
N CYS D 189 -25.10 7.27 -19.45
CA CYS D 189 -24.57 7.42 -20.80
C CYS D 189 -25.51 6.83 -21.83
N PRO D 190 -25.48 7.35 -23.06
CA PRO D 190 -26.36 6.80 -24.10
C PRO D 190 -25.76 5.59 -24.83
N GLU D 191 -24.45 5.46 -24.80
CA GLU D 191 -23.74 4.39 -25.51
C GLU D 191 -23.93 3.00 -24.91
N PRO D 192 -24.04 1.98 -25.77
CA PRO D 192 -24.07 0.60 -25.28
C PRO D 192 -22.69 0.17 -24.81
N TYR D 193 -22.62 -0.54 -23.69
CA TYR D 193 -21.35 -1.04 -23.17
C TYR D 193 -21.36 -2.56 -23.33
N ILE D 194 -20.17 -3.14 -23.53
CA ILE D 194 -20.04 -4.60 -23.68
C ILE D 194 -19.44 -5.21 -22.43
N ASP D 195 -20.07 -6.24 -21.91
CA ASP D 195 -19.41 -6.97 -20.83
C ASP D 195 -19.39 -8.47 -21.06
N VAL D 196 -18.57 -9.15 -20.28
CA VAL D 196 -18.60 -10.60 -20.28
C VAL D 196 -19.22 -11.06 -18.98
N ASN D 197 -20.36 -11.74 -19.10
CA ASN D 197 -21.08 -12.29 -17.96
C ASN D 197 -20.55 -13.67 -17.55
N LEU D 198 -19.97 -13.76 -16.36
CA LEU D 198 -19.46 -15.02 -15.85
C LEU D 198 -20.48 -15.66 -14.90
N VAL D 199 -21.07 -16.78 -15.30
CA VAL D 199 -22.04 -17.47 -14.46
C VAL D 199 -21.41 -18.75 -13.91
N VAL D 200 -21.36 -18.86 -12.59
CA VAL D 200 -20.71 -19.99 -11.97
C VAL D 200 -21.65 -20.71 -11.01
N LYS D 201 -21.84 -22.00 -11.25
CA LYS D 201 -22.65 -22.84 -10.38
C LYS D 201 -21.70 -23.70 -9.56
N PHE D 202 -21.81 -23.61 -8.24
CA PHE D 202 -20.90 -24.36 -7.37
C PHE D 202 -21.58 -24.81 -6.08
N ARG D 203 -20.98 -25.79 -5.42
CA ARG D 203 -21.50 -26.32 -4.16
C ARG D 203 -20.38 -26.78 -3.22
N GLU D 204 -20.71 -27.01 -1.95
CA GLU D 204 -19.73 -27.52 -0.99
C GLU D 204 -19.31 -28.93 -1.39
N ARG D 205 -18.00 -29.15 -1.49
CA ARG D 205 -17.47 -30.43 -1.93
C ARG D 205 -17.72 -31.51 -0.89
N ARG D 206 -18.02 -32.72 -1.34
CA ARG D 206 -18.23 -33.84 -0.44
C ARG D 206 -17.64 -35.12 -1.02
N GLN E 1 -4.45 7.29 -31.70
CA GLN E 1 -3.79 7.88 -32.86
C GLN E 1 -3.20 9.26 -32.60
N ALA E 2 -2.66 9.84 -33.67
CA ALA E 2 -1.84 11.03 -33.59
C ALA E 2 -2.64 12.27 -33.29
N ASN E 3 -3.91 12.28 -33.68
CA ASN E 3 -4.77 13.40 -33.37
C ASN E 3 -5.04 13.48 -31.86
N LEU E 4 -5.34 12.33 -31.26
CA LEU E 4 -5.55 12.27 -29.81
C LEU E 4 -4.25 12.48 -29.04
N MET E 5 -3.17 11.84 -29.48
CA MET E 5 -1.86 12.03 -28.87
C MET E 5 -1.45 13.50 -28.89
N ARG E 6 -1.76 14.18 -29.99
CA ARG E 6 -1.42 15.60 -30.11
C ARG E 6 -2.26 16.47 -29.19
N LEU E 7 -3.55 16.16 -29.09
CA LEU E 7 -4.47 16.92 -28.27
C LEU E 7 -4.13 16.80 -26.79
N LYS E 8 -3.86 15.57 -26.35
CA LYS E 8 -3.51 15.34 -24.96
C LYS E 8 -2.20 16.05 -24.63
N SER E 9 -1.26 16.01 -25.57
CA SER E 9 0.01 16.69 -25.42
C SER E 9 -0.22 18.19 -25.31
N ASP E 10 -1.18 18.69 -26.08
CA ASP E 10 -1.49 20.11 -26.15
C ASP E 10 -2.34 20.60 -24.97
N LEU E 11 -2.68 19.71 -24.06
CA LEU E 11 -3.51 20.10 -22.92
C LEU E 11 -2.79 19.91 -21.57
N PHE E 12 -1.95 18.88 -21.49
CA PHE E 12 -1.33 18.49 -20.23
C PHE E 12 0.15 18.87 -20.10
N ASN E 13 0.81 19.06 -21.24
CA ASN E 13 2.18 19.56 -21.26
C ASN E 13 2.20 21.01 -21.72
N ARG E 14 1.08 21.45 -22.27
CA ARG E 14 0.91 22.82 -22.74
C ARG E 14 1.05 23.81 -21.59
N SER E 15 0.22 23.62 -20.57
CA SER E 15 0.08 24.60 -19.51
C SER E 15 0.32 23.93 -18.16
N PRO E 16 0.56 24.74 -17.11
CA PRO E 16 0.51 24.16 -15.76
C PRO E 16 -0.89 23.66 -15.48
N MET E 17 -1.05 22.71 -14.57
CA MET E 17 -2.37 22.17 -14.29
C MET E 17 -3.26 23.25 -13.67
N TYR E 18 -4.57 23.08 -13.82
CA TYR E 18 -5.56 23.92 -13.15
C TYR E 18 -5.29 23.90 -11.65
N PRO E 19 -5.14 25.09 -11.05
CA PRO E 19 -4.80 25.18 -9.62
C PRO E 19 -6.03 25.05 -8.69
N GLY E 20 -7.17 24.62 -9.22
CA GLY E 20 -8.37 24.57 -8.40
C GLY E 20 -9.17 25.85 -8.46
N PRO E 21 -10.42 25.80 -8.00
CA PRO E 21 -11.30 26.96 -8.03
C PRO E 21 -10.92 28.00 -6.97
N THR E 22 -11.32 29.25 -7.20
CA THR E 22 -11.13 30.34 -6.26
C THR E 22 -12.46 31.07 -6.17
N LYS E 23 -12.54 32.07 -5.30
CA LYS E 23 -13.75 32.87 -5.17
C LYS E 23 -14.09 33.65 -6.45
N ASP E 24 -13.09 33.90 -7.28
CA ASP E 24 -13.29 34.69 -8.50
C ASP E 24 -13.70 33.81 -9.65
N ASP E 25 -13.39 32.52 -9.52
CA ASP E 25 -13.71 31.53 -10.53
C ASP E 25 -14.15 30.27 -9.81
N PRO E 26 -15.37 30.30 -9.24
CA PRO E 26 -15.84 29.13 -8.50
C PRO E 26 -16.26 28.01 -9.44
N LEU E 27 -16.51 26.84 -8.88
CA LEU E 27 -16.80 25.66 -9.67
C LEU E 27 -17.98 24.94 -9.03
N THR E 28 -18.97 24.60 -9.85
CA THR E 28 -20.10 23.81 -9.36
C THR E 28 -19.89 22.37 -9.81
N VAL E 29 -19.87 21.47 -8.84
CA VAL E 29 -19.72 20.05 -9.10
C VAL E 29 -21.07 19.36 -9.00
N THR E 30 -21.43 18.59 -10.01
CA THR E 30 -22.67 17.85 -9.92
C THR E 30 -22.39 16.45 -9.40
N LEU E 31 -23.22 15.98 -8.46
CA LEU E 31 -22.98 14.71 -7.81
C LEU E 31 -24.22 13.86 -7.93
N GLY E 32 -24.02 12.56 -8.08
CA GLY E 32 -25.12 11.62 -8.12
C GLY E 32 -24.64 10.28 -7.59
N PHE E 33 -25.49 9.61 -6.83
CA PHE E 33 -25.06 8.37 -6.22
C PHE E 33 -25.88 7.18 -6.70
N THR E 34 -25.17 6.09 -6.97
CA THR E 34 -25.78 4.84 -7.32
C THR E 34 -25.40 3.84 -6.25
N LEU E 35 -26.38 3.38 -5.48
CA LEU E 35 -26.09 2.46 -4.38
C LEU E 35 -26.11 1.00 -4.84
N GLN E 36 -24.94 0.35 -4.83
CA GLN E 36 -24.84 -1.04 -5.28
C GLN E 36 -25.24 -2.04 -4.19
N ASP E 37 -24.77 -1.84 -2.96
CA ASP E 37 -25.01 -2.81 -1.90
C ASP E 37 -24.65 -2.27 -0.50
N ILE E 38 -25.49 -2.59 0.48
CA ILE E 38 -25.11 -2.49 1.88
C ILE E 38 -24.51 -3.83 2.27
N VAL E 39 -23.20 -3.85 2.42
CA VAL E 39 -22.47 -5.11 2.50
C VAL E 39 -22.51 -5.71 3.87
N LYS E 40 -22.35 -4.85 4.87
CA LYS E 40 -22.05 -5.29 6.22
C LYS E 40 -22.57 -4.32 7.25
N VAL E 41 -23.10 -4.85 8.34
CA VAL E 41 -23.52 -4.05 9.47
C VAL E 41 -22.80 -4.52 10.74
N ASP E 42 -22.24 -3.58 11.50
CA ASP E 42 -21.56 -3.95 12.74
C ASP E 42 -22.20 -3.23 13.92
N SER E 43 -22.96 -3.98 14.71
CA SER E 43 -23.69 -3.39 15.82
C SER E 43 -22.81 -3.23 17.04
N SER E 44 -21.57 -3.70 16.97
CA SER E 44 -20.68 -3.59 18.11
C SER E 44 -19.81 -2.34 18.05
N THR E 45 -19.66 -1.78 16.84
CA THR E 45 -18.85 -0.58 16.66
C THR E 45 -19.66 0.55 16.02
N ASN E 46 -20.91 0.27 15.68
CA ASN E 46 -21.73 1.18 14.89
C ASN E 46 -21.05 1.65 13.61
N GLU E 47 -20.65 0.69 12.79
CA GLU E 47 -20.16 0.96 11.45
C GLU E 47 -21.01 0.24 10.41
N VAL E 48 -21.26 0.90 9.29
CA VAL E 48 -21.89 0.25 8.14
C VAL E 48 -21.01 0.38 6.90
N ASP E 49 -20.96 -0.67 6.08
CA ASP E 49 -20.18 -0.67 4.86
C ASP E 49 -21.08 -0.59 3.63
N LEU E 50 -20.80 0.37 2.75
CA LEU E 50 -21.57 0.57 1.52
C LEU E 50 -20.69 0.41 0.31
N VAL E 51 -21.25 -0.16 -0.76
CA VAL E 51 -20.61 -0.13 -2.06
C VAL E 51 -21.52 0.72 -2.93
N TYR E 52 -20.93 1.70 -3.59
CA TYR E 52 -21.73 2.61 -4.39
C TYR E 52 -20.85 3.17 -5.48
N TYR E 53 -21.47 3.78 -6.48
CA TYR E 53 -20.71 4.71 -7.29
C TYR E 53 -21.24 6.14 -7.32
N GLU E 54 -20.29 7.05 -7.46
CA GLU E 54 -20.52 8.46 -7.29
C GLU E 54 -20.20 9.12 -8.62
N ARG E 55 -21.23 9.64 -9.28
CA ARG E 55 -21.03 10.33 -10.53
C ARG E 55 -20.67 11.78 -10.25
N GLN E 56 -19.49 12.19 -10.71
CA GLN E 56 -19.08 13.58 -10.56
C GLN E 56 -18.97 14.23 -11.93
N ARG E 57 -19.58 15.41 -12.09
CA ARG E 57 -19.39 16.18 -13.29
C ARG E 57 -19.02 17.62 -12.97
N TRP E 58 -18.13 18.19 -13.78
CA TRP E 58 -17.77 19.60 -13.67
C TRP E 58 -17.19 20.04 -14.99
N LYS E 59 -16.95 21.34 -15.14
CA LYS E 59 -16.53 21.91 -16.41
C LYS E 59 -15.42 22.93 -16.22
N LEU E 60 -14.28 22.70 -16.85
CA LEU E 60 -13.16 23.65 -16.83
C LEU E 60 -12.89 24.24 -18.20
N ASN E 61 -12.74 25.56 -18.27
CA ASN E 61 -12.37 26.21 -19.53
C ASN E 61 -11.01 25.77 -20.03
N SER E 62 -10.09 25.47 -19.11
CA SER E 62 -8.73 25.13 -19.50
C SER E 62 -8.65 23.76 -20.21
N LEU E 63 -9.73 23.00 -20.17
CA LEU E 63 -9.75 21.71 -20.83
C LEU E 63 -10.49 21.76 -22.17
N MET E 64 -10.71 22.96 -22.69
CA MET E 64 -11.47 23.16 -23.92
C MET E 64 -10.61 23.03 -25.16
N TRP E 65 -11.20 22.54 -26.25
CA TRP E 65 -10.52 22.58 -27.54
C TRP E 65 -11.51 22.73 -28.68
N ASP E 66 -11.03 23.26 -29.81
CA ASP E 66 -11.83 23.23 -31.04
C ASP E 66 -11.59 21.87 -31.68
N PRO E 67 -12.64 21.04 -31.75
CA PRO E 67 -12.53 19.71 -32.38
C PRO E 67 -11.97 19.78 -33.80
N ASN E 68 -12.32 20.82 -34.54
CA ASN E 68 -11.88 20.97 -35.93
C ASN E 68 -10.36 21.02 -36.06
N GLU E 69 -9.69 21.48 -35.00
CA GLU E 69 -8.23 21.58 -34.99
C GLU E 69 -7.58 20.26 -34.58
N TYR E 70 -8.40 19.25 -34.31
CA TYR E 70 -7.88 17.95 -33.90
C TYR E 70 -8.67 16.80 -34.52
N GLY E 71 -8.80 16.80 -35.85
CA GLY E 71 -9.46 15.74 -36.58
C GLY E 71 -10.84 15.33 -36.05
N ASN E 72 -11.57 16.34 -35.58
CA ASN E 72 -12.97 16.18 -35.16
C ASN E 72 -13.21 15.41 -33.86
N ILE E 73 -12.14 15.11 -33.13
CA ILE E 73 -12.25 14.54 -31.80
C ILE E 73 -13.09 15.43 -30.89
N THR E 74 -14.10 14.85 -30.24
CA THR E 74 -14.99 15.64 -29.39
C THR E 74 -14.90 15.26 -27.93
N ASP E 75 -14.21 14.16 -27.63
CA ASP E 75 -14.02 13.72 -26.27
C ASP E 75 -13.03 12.57 -26.18
N PHE E 76 -12.35 12.48 -25.06
CA PHE E 76 -11.39 11.43 -24.83
C PHE E 76 -11.38 10.96 -23.38
N ARG E 77 -10.90 9.73 -23.18
CA ARG E 77 -10.68 9.20 -21.84
C ARG E 77 -9.26 9.43 -21.46
N THR E 78 -9.03 9.62 -20.16
CA THR E 78 -7.69 9.78 -19.63
C THR E 78 -7.66 9.48 -18.13
N SER E 79 -6.48 9.15 -17.63
CA SER E 79 -6.24 8.89 -16.23
C SER E 79 -6.66 10.10 -15.40
N ALA E 80 -7.40 9.85 -14.32
CA ALA E 80 -7.79 10.90 -13.38
C ALA E 80 -6.61 11.72 -12.84
N ALA E 81 -5.43 11.13 -12.84
CA ALA E 81 -4.23 11.81 -12.31
C ALA E 81 -3.68 12.89 -13.27
N ASP E 82 -4.10 12.81 -14.53
CA ASP E 82 -3.67 13.76 -15.55
C ASP E 82 -4.38 15.10 -15.41
N ILE E 83 -5.46 15.12 -14.64
CA ILE E 83 -6.30 16.31 -14.54
C ILE E 83 -6.61 16.60 -13.07
N TRP E 84 -7.07 17.82 -12.80
CA TRP E 84 -7.50 18.19 -11.47
C TRP E 84 -8.83 17.53 -11.15
N THR E 85 -8.97 17.02 -9.93
CA THR E 85 -10.27 16.46 -9.53
C THR E 85 -10.73 17.09 -8.20
N PRO E 86 -12.05 17.16 -7.97
CA PRO E 86 -12.54 17.73 -6.72
C PRO E 86 -12.31 16.82 -5.50
N ASP E 87 -11.97 17.44 -4.37
CA ASP E 87 -11.73 16.72 -3.12
C ASP E 87 -13.03 16.33 -2.38
N ILE E 88 -13.97 15.71 -3.09
CA ILE E 88 -15.23 15.30 -2.46
C ILE E 88 -14.96 14.17 -1.47
N THR E 89 -15.45 14.33 -0.24
CA THR E 89 -15.10 13.43 0.86
C THR E 89 -16.35 13.01 1.62
N ALA E 90 -16.39 11.76 2.05
CA ALA E 90 -17.46 11.35 2.95
C ALA E 90 -17.02 11.70 4.38
N TYR E 91 -17.75 12.60 5.02
CA TYR E 91 -17.34 13.12 6.32
C TYR E 91 -17.41 12.11 7.45
N GLU E 92 -18.29 11.12 7.31
CA GLU E 92 -18.52 10.18 8.40
C GLU E 92 -17.74 8.89 8.27
N SER E 93 -16.78 8.84 7.35
CA SER E 93 -16.03 7.61 7.14
C SER E 93 -15.21 7.25 8.37
N THR E 94 -15.00 5.94 8.58
CA THR E 94 -14.21 5.47 9.69
C THR E 94 -13.02 4.66 9.21
N ARG E 95 -12.93 4.46 7.90
CA ARG E 95 -11.79 3.78 7.27
C ARG E 95 -11.48 4.57 6.00
N PRO E 96 -10.23 4.52 5.53
CA PRO E 96 -9.92 5.09 4.21
C PRO E 96 -10.82 4.48 3.13
N VAL E 97 -11.42 5.31 2.27
CA VAL E 97 -12.30 4.80 1.22
C VAL E 97 -11.53 3.88 0.27
N GLN E 98 -12.13 2.77 -0.12
CA GLN E 98 -11.45 1.83 -1.00
C GLN E 98 -12.02 1.91 -2.41
N VAL E 99 -11.16 2.21 -3.38
CA VAL E 99 -11.59 2.34 -4.76
C VAL E 99 -11.68 0.98 -5.39
N LEU E 100 -12.79 0.74 -6.09
CA LEU E 100 -13.05 -0.54 -6.74
C LEU E 100 -12.93 -0.44 -8.26
N SER E 101 -12.79 0.77 -8.80
CA SER E 101 -12.82 0.95 -10.25
C SER E 101 -11.55 1.62 -10.76
N PRO E 102 -11.22 1.41 -12.05
CA PRO E 102 -10.11 2.20 -12.61
C PRO E 102 -10.38 3.69 -12.46
N GLN E 103 -9.32 4.47 -12.30
CA GLN E 103 -9.49 5.90 -12.04
C GLN E 103 -9.30 6.67 -13.33
N ILE E 104 -10.33 6.64 -14.16
CA ILE E 104 -10.25 7.18 -15.50
C ILE E 104 -11.43 8.08 -15.70
N ALA E 105 -11.21 9.21 -16.35
CA ALA E 105 -12.29 10.16 -16.59
C ALA E 105 -12.42 10.44 -18.07
N VAL E 106 -13.57 10.97 -18.48
CA VAL E 106 -13.78 11.42 -19.85
C VAL E 106 -13.83 12.95 -19.92
N VAL E 107 -13.08 13.53 -20.84
CA VAL E 107 -13.09 14.97 -21.07
C VAL E 107 -13.71 15.31 -22.41
N THR E 108 -14.70 16.20 -22.40
CA THR E 108 -15.38 16.63 -23.62
C THR E 108 -14.80 17.98 -24.08
N HIS E 109 -14.93 18.27 -25.38
CA HIS E 109 -14.30 19.43 -26.01
C HIS E 109 -14.73 20.77 -25.41
N ASP E 110 -15.90 20.80 -24.77
CA ASP E 110 -16.36 22.03 -24.11
C ASP E 110 -15.78 22.19 -22.71
N GLY E 111 -14.92 21.25 -22.31
CA GLY E 111 -14.21 21.37 -21.03
C GLY E 111 -14.91 20.59 -19.93
N SER E 112 -16.05 20.01 -20.27
CA SER E 112 -16.81 19.26 -19.29
C SER E 112 -16.14 17.92 -19.02
N VAL E 113 -16.23 17.45 -17.77
CA VAL E 113 -15.55 16.26 -17.33
C VAL E 113 -16.55 15.36 -16.61
N MET E 114 -16.47 14.05 -16.83
CA MET E 114 -17.25 13.11 -16.06
C MET E 114 -16.34 12.05 -15.44
N PHE E 115 -16.51 11.83 -14.14
CA PHE E 115 -15.66 10.90 -13.40
C PHE E 115 -16.58 10.09 -12.49
N ILE E 116 -16.51 8.77 -12.58
CA ILE E 116 -17.43 7.91 -11.84
C ILE E 116 -16.70 6.79 -11.10
N PRO E 117 -16.11 7.13 -9.93
CA PRO E 117 -15.40 6.12 -9.16
C PRO E 117 -16.33 5.21 -8.34
N ALA E 118 -16.13 3.90 -8.41
CA ALA E 118 -16.80 2.95 -7.54
C ALA E 118 -15.98 2.82 -6.26
N GLN E 119 -16.66 2.63 -5.12
CA GLN E 119 -15.99 2.69 -3.83
C GLN E 119 -16.66 1.81 -2.79
N ARG E 120 -15.86 1.30 -1.85
CA ARG E 120 -16.43 0.72 -0.66
C ARG E 120 -16.09 1.60 0.54
N LEU E 121 -17.11 1.95 1.31
CA LEU E 121 -16.96 2.90 2.38
C LEU E 121 -17.49 2.36 3.70
N SER E 122 -16.67 2.48 4.75
CA SER E 122 -17.14 2.24 6.12
C SER E 122 -17.47 3.58 6.74
N PHE E 123 -18.68 3.72 7.28
CA PHE E 123 -19.04 5.00 7.90
C PHE E 123 -19.82 4.83 9.22
N MET E 124 -20.05 5.94 9.92
CA MET E 124 -20.70 5.92 11.23
C MET E 124 -22.22 5.84 11.14
N CYS E 125 -22.78 4.83 11.81
CA CYS E 125 -24.19 4.51 11.68
C CYS E 125 -24.65 3.52 12.74
N ASP E 126 -25.60 3.94 13.58
CA ASP E 126 -26.22 3.06 14.56
C ASP E 126 -27.34 2.25 13.90
N PRO E 127 -27.09 0.96 13.64
CA PRO E 127 -28.00 0.10 12.88
C PRO E 127 -29.02 -0.59 13.79
N THR E 128 -29.18 -0.08 15.01
CA THR E 128 -30.15 -0.62 15.94
C THR E 128 -31.55 -0.53 15.37
N GLY E 129 -32.19 -1.67 15.19
CA GLY E 129 -33.54 -1.71 14.65
C GLY E 129 -33.56 -2.11 13.19
N VAL E 130 -32.40 -2.52 12.68
CA VAL E 130 -32.32 -2.97 11.29
C VAL E 130 -33.05 -4.30 11.15
N ASP E 131 -33.19 -5.03 12.25
CA ASP E 131 -33.87 -6.32 12.26
C ASP E 131 -35.39 -6.18 12.45
N SER E 132 -35.87 -4.95 12.59
CA SER E 132 -37.30 -4.69 12.64
C SER E 132 -37.83 -4.41 11.24
N GLU E 133 -39.12 -4.07 11.14
CA GLU E 133 -39.73 -3.82 9.83
C GLU E 133 -39.81 -2.33 9.53
N GLU E 134 -39.69 -1.51 10.56
CA GLU E 134 -39.59 -0.07 10.39
C GLU E 134 -38.19 0.27 9.89
N GLY E 135 -37.26 -0.64 10.13
CA GLY E 135 -35.88 -0.48 9.69
C GLY E 135 -35.13 0.62 10.43
N VAL E 136 -34.02 1.04 9.85
CA VAL E 136 -33.18 2.08 10.45
C VAL E 136 -32.75 3.09 9.39
N THR E 137 -32.52 4.32 9.82
CA THR E 137 -32.09 5.39 8.91
C THR E 137 -30.67 5.85 9.18
N CYS E 138 -29.85 5.89 8.14
CA CYS E 138 -28.51 6.45 8.26
C CYS E 138 -28.20 7.54 7.25
N ALA E 139 -27.34 8.46 7.67
CA ALA E 139 -27.08 9.69 6.95
C ALA E 139 -25.60 9.82 6.68
N LEU E 140 -25.28 10.34 5.50
CA LEU E 140 -23.92 10.39 5.02
C LEU E 140 -23.75 11.73 4.31
N THR E 141 -22.76 12.52 4.71
CA THR E 141 -22.52 13.79 4.04
C THR E 141 -21.28 13.71 3.17
N PHE E 142 -21.41 14.20 1.94
CA PHE E 142 -20.31 14.23 0.99
C PHE E 142 -20.03 15.67 0.59
N GLY E 143 -18.77 16.08 0.68
CA GLY E 143 -18.47 17.47 0.38
C GLY E 143 -16.98 17.70 0.21
N SER E 144 -16.64 18.84 -0.38
CA SER E 144 -15.25 19.29 -0.46
C SER E 144 -14.72 19.39 0.98
N TRP E 145 -13.49 18.94 1.19
CA TRP E 145 -12.87 18.97 2.50
C TRP E 145 -12.34 20.37 2.81
N VAL E 146 -11.73 20.99 1.80
CA VAL E 146 -11.02 22.24 2.00
C VAL E 146 -11.61 23.47 1.29
N TYR E 147 -12.56 23.29 0.40
CA TYR E 147 -13.17 24.44 -0.29
C TYR E 147 -14.54 24.77 0.26
N SER E 148 -14.77 26.04 0.56
CA SER E 148 -16.06 26.49 1.02
C SER E 148 -17.01 26.75 -0.16
N GLY E 149 -18.24 27.13 0.16
CA GLY E 149 -19.27 27.32 -0.84
C GLY E 149 -18.99 28.48 -1.76
N PHE E 150 -18.03 29.33 -1.40
CA PHE E 150 -17.64 30.41 -2.29
C PHE E 150 -16.68 29.94 -3.39
N GLU E 151 -16.26 28.68 -3.32
CA GLU E 151 -15.22 28.14 -4.20
C GLU E 151 -15.70 26.91 -4.95
N ILE E 152 -16.30 25.98 -4.21
CA ILE E 152 -16.99 24.85 -4.79
C ILE E 152 -18.44 24.81 -4.30
N ASP E 153 -19.37 24.87 -5.24
CA ASP E 153 -20.76 24.62 -4.90
C ASP E 153 -21.07 23.21 -5.38
N LEU E 154 -22.18 22.64 -4.93
CA LEU E 154 -22.54 21.30 -5.32
C LEU E 154 -23.99 21.32 -5.73
N LYS E 155 -24.36 20.38 -6.59
CA LYS E 155 -25.70 20.29 -7.13
C LYS E 155 -26.01 18.80 -7.32
N THR E 156 -27.28 18.44 -7.28
CA THR E 156 -27.70 17.10 -7.70
C THR E 156 -28.67 17.24 -8.87
N ASP E 157 -28.69 16.25 -9.75
CA ASP E 157 -29.65 16.24 -10.85
C ASP E 157 -31.00 15.70 -10.40
N THR E 158 -30.96 14.79 -9.43
CA THR E 158 -32.19 14.25 -8.85
C THR E 158 -32.01 14.08 -7.35
N ASP E 159 -33.13 14.13 -6.61
CA ASP E 159 -33.10 13.88 -5.19
C ASP E 159 -33.10 12.39 -4.89
N GLN E 160 -33.37 11.59 -5.92
CA GLN E 160 -33.40 10.14 -5.77
C GLN E 160 -32.03 9.52 -5.98
N VAL E 161 -31.57 8.77 -4.99
CA VAL E 161 -30.40 7.93 -5.18
C VAL E 161 -30.78 6.86 -6.20
N ASP E 162 -29.87 6.57 -7.13
CA ASP E 162 -30.14 5.58 -8.15
C ASP E 162 -30.06 4.18 -7.53
N LEU E 163 -31.18 3.47 -7.55
CA LEU E 163 -31.25 2.13 -6.97
C LEU E 163 -31.47 1.05 -8.02
N SER E 164 -31.25 1.39 -9.28
CA SER E 164 -31.59 0.47 -10.36
C SER E 164 -30.53 -0.61 -10.51
N SER E 165 -29.43 -0.46 -9.78
CA SER E 165 -28.34 -1.44 -9.83
C SER E 165 -28.14 -2.13 -8.48
N TYR E 166 -29.06 -1.95 -7.56
CA TYR E 166 -28.91 -2.49 -6.20
C TYR E 166 -28.97 -4.02 -6.21
N TYR E 167 -28.10 -4.65 -5.44
CA TYR E 167 -28.00 -6.10 -5.41
C TYR E 167 -29.29 -6.71 -4.86
N ALA E 168 -30.00 -7.43 -5.74
CA ALA E 168 -31.31 -7.99 -5.39
C ALA E 168 -31.25 -8.99 -4.23
N SER E 169 -30.10 -9.60 -4.03
CA SER E 169 -29.95 -10.60 -2.98
C SER E 169 -29.05 -10.11 -1.85
N SER E 170 -28.96 -8.80 -1.69
CA SER E 170 -28.28 -8.21 -0.55
C SER E 170 -28.95 -8.67 0.74
N LYS E 171 -28.20 -8.68 1.85
CA LYS E 171 -28.77 -9.03 3.15
C LYS E 171 -29.71 -7.92 3.63
N TYR E 172 -29.66 -6.78 2.94
CA TYR E 172 -30.45 -5.62 3.33
C TYR E 172 -31.21 -5.04 2.14
N GLU E 173 -32.50 -4.79 2.33
CA GLU E 173 -33.27 -4.10 1.30
C GLU E 173 -33.41 -2.62 1.63
N ILE E 174 -33.51 -1.79 0.60
CA ILE E 174 -33.58 -0.34 0.77
C ILE E 174 -35.02 0.11 0.74
N LEU E 175 -35.43 0.85 1.76
CA LEU E 175 -36.81 1.37 1.82
C LEU E 175 -36.89 2.75 1.17
N SER E 176 -35.83 3.54 1.30
CA SER E 176 -35.75 4.85 0.66
C SER E 176 -34.31 5.34 0.66
N ALA E 177 -33.98 6.17 -0.32
CA ALA E 177 -32.62 6.66 -0.49
C ALA E 177 -32.60 8.02 -1.17
N THR E 178 -32.34 9.06 -0.39
CA THR E 178 -32.35 10.44 -0.91
C THR E 178 -30.98 11.10 -0.90
N GLN E 179 -30.80 12.08 -1.78
CA GLN E 179 -29.56 12.85 -1.88
C GLN E 179 -29.92 14.33 -2.01
N THR E 180 -29.51 15.12 -1.03
CA THR E 180 -29.98 16.49 -0.92
C THR E 180 -28.82 17.43 -0.65
N ARG E 181 -28.76 18.53 -1.39
CA ARG E 181 -27.75 19.54 -1.14
C ARG E 181 -28.08 20.24 0.18
N GLN E 182 -27.06 20.50 0.99
CA GLN E 182 -27.29 21.31 2.18
C GLN E 182 -26.06 22.14 2.52
N VAL E 183 -26.28 23.21 3.29
CA VAL E 183 -25.22 24.13 3.71
C VAL E 183 -24.92 23.97 5.19
N GLN E 184 -23.65 23.71 5.52
CA GLN E 184 -23.23 23.59 6.91
C GLN E 184 -22.09 24.54 7.28
N HIS E 185 -22.00 24.85 8.57
CA HIS E 185 -20.87 25.62 9.11
C HIS E 185 -20.04 24.74 10.05
N TYR E 186 -18.74 24.99 10.13
CA TYR E 186 -17.85 24.19 10.96
C TYR E 186 -17.05 25.06 11.93
N SER E 187 -16.74 24.53 13.11
CA SER E 187 -16.14 25.32 14.20
C SER E 187 -14.86 26.08 13.83
N CYS E 188 -14.04 25.47 12.98
CA CYS E 188 -12.72 25.99 12.64
C CYS E 188 -12.74 27.23 11.74
N CYS E 189 -13.83 27.43 11.01
CA CYS E 189 -13.86 28.36 9.89
C CYS E 189 -15.17 29.12 9.90
N PRO E 190 -15.19 30.32 9.31
CA PRO E 190 -16.48 31.02 9.34
C PRO E 190 -17.33 30.79 8.09
N GLU E 191 -16.71 30.38 6.98
CA GLU E 191 -17.43 30.24 5.70
C GLU E 191 -18.39 29.04 5.68
N PRO E 192 -19.47 29.16 4.90
CA PRO E 192 -20.35 28.01 4.64
C PRO E 192 -19.64 26.95 3.79
N TYR E 193 -19.84 25.68 4.12
CA TYR E 193 -19.43 24.57 3.25
C TYR E 193 -20.66 23.83 2.74
N ILE E 194 -20.60 23.36 1.50
CA ILE E 194 -21.73 22.67 0.91
C ILE E 194 -21.49 21.18 0.90
N ASP E 195 -22.53 20.43 1.25
CA ASP E 195 -22.47 18.99 1.11
C ASP E 195 -23.73 18.44 0.43
N VAL E 196 -23.65 17.17 0.07
CA VAL E 196 -24.82 16.45 -0.39
C VAL E 196 -25.12 15.38 0.65
N ASN E 197 -26.30 15.49 1.26
CA ASN E 197 -26.70 14.58 2.32
C ASN E 197 -27.39 13.32 1.77
N LEU E 198 -26.74 12.18 1.93
CA LEU E 198 -27.29 10.90 1.54
C LEU E 198 -28.02 10.26 2.72
N VAL E 199 -29.35 10.20 2.64
CA VAL E 199 -30.13 9.58 3.71
C VAL E 199 -30.70 8.25 3.22
N VAL E 200 -30.25 7.16 3.82
CA VAL E 200 -30.68 5.82 3.40
C VAL E 200 -31.43 5.10 4.51
N LYS E 201 -32.68 4.76 4.24
CA LYS E 201 -33.47 3.95 5.16
C LYS E 201 -33.47 2.52 4.62
N PHE E 202 -33.06 1.57 5.47
CA PHE E 202 -32.92 0.18 5.06
C PHE E 202 -33.25 -0.79 6.21
N ARG E 203 -33.36 -2.08 5.88
CA ARG E 203 -33.64 -3.08 6.89
C ARG E 203 -33.20 -4.45 6.40
N GLU E 204 -33.19 -5.45 7.28
CA GLU E 204 -32.92 -6.82 6.87
C GLU E 204 -33.98 -7.30 5.87
N ARG E 205 -33.57 -8.13 4.92
CA ARG E 205 -34.45 -8.56 3.82
C ARG E 205 -35.38 -9.69 4.21
C01 QMR F . 11.83 11.84 21.10
N02 QMR F . 10.94 11.39 20.04
C03 QMR F . 10.90 9.98 19.73
C04 QMR F . 12.22 9.27 19.83
C05 QMR F . 12.95 9.62 21.01
C06 QMR F . 13.11 11.09 21.20
C07 QMR F . 13.61 10.97 19.92
C08 QMR F . 14.59 11.87 19.42
C09 QMR F . 15.05 11.73 18.06
N10 QMR F . 15.98 12.63 17.55
C11 QMR F . 16.42 12.46 16.28
C12 QMR F . 15.92 11.47 15.45
N13 QMR F . 14.96 10.63 15.94
C14 QMR F . 14.54 10.75 17.26
C15 QMR F . 13.55 9.86 17.77
C16 QMR F . 13.13 10.05 19.09
C01 QMR G . 21.94 -14.32 6.32
N02 QMR G . 20.89 -13.34 6.07
C03 QMR G . 19.63 -13.94 5.64
C04 QMR G . 19.81 -14.95 4.53
C05 QMR G . 20.79 -15.93 4.84
C06 QMR G . 22.09 -15.35 5.26
C07 QMR G . 21.92 -14.65 4.08
C08 QMR G . 23.05 -14.15 3.38
C09 QMR G . 22.85 -13.35 2.21
N10 QMR G . 23.97 -12.84 1.53
C11 QMR G . 23.77 -12.11 0.42
C12 QMR G . 22.49 -11.82 -0.05
N13 QMR G . 21.43 -12.29 0.63
C14 QMR G . 21.60 -13.06 1.77
C15 QMR G . 20.46 -13.57 2.48
C16 QMR G . 20.71 -14.35 3.63
C01 QMR H . 2.07 -19.88 -17.54
N02 QMR H . 2.35 -18.88 -16.52
C03 QMR H . 1.18 -18.45 -15.76
C04 QMR H . -0.01 -18.15 -16.61
C05 QMR H . -0.27 -19.16 -17.61
C06 QMR H . 0.92 -19.53 -18.41
C07 QMR H . 0.98 -18.16 -18.57
C08 QMR H . 1.59 -17.58 -19.71
C09 QMR H . 1.68 -16.14 -19.79
N10 QMR H . 2.33 -15.53 -20.89
C11 QMR H . 2.35 -14.19 -20.98
C12 QMR H . 1.84 -13.37 -19.96
N13 QMR H . 1.26 -13.96 -18.90
C14 QMR H . 1.19 -15.36 -18.80
C15 QMR H . 0.58 -15.94 -17.67
C16 QMR H . 0.53 -17.35 -17.62
C01 QMR I . -20.70 1.80 -17.43
N02 QMR I . -19.51 1.41 -16.73
C03 QMR I . -19.48 1.67 -15.28
C04 QMR I . -20.09 2.98 -14.86
C05 QMR I . -21.32 3.28 -15.53
C06 QMR I . -21.25 3.11 -17.01
C07 QMR I . -20.17 3.96 -16.82
C08 QMR I . -19.74 4.84 -17.85
C09 QMR I . -18.60 5.66 -17.62
N10 QMR I . -18.16 6.52 -18.64
C11 QMR I . -17.09 7.31 -18.39
C12 QMR I . -16.38 7.28 -17.18
N13 QMR I . -16.79 6.41 -16.23
C14 QMR I . -17.92 5.62 -16.44
C15 QMR I . -18.35 4.73 -15.42
C16 QMR I . -19.47 3.93 -15.68
C01 QMR J . -15.02 21.62 6.78
N02 QMR J . -14.40 20.50 6.14
C03 QMR J . -13.74 19.57 7.03
C04 QMR J . -12.93 20.22 8.12
C05 QMR J . -13.60 21.30 8.74
C06 QMR J . -14.17 22.29 7.80
C07 QMR J . -12.87 22.25 7.34
C08 QMR J . -12.28 23.39 6.69
C09 QMR J . -10.93 23.29 6.20
N10 QMR J . -10.37 24.38 5.51
C11 QMR J . -9.09 24.30 5.09
C12 QMR J . -8.33 23.15 5.25
N13 QMR J . -8.90 22.08 5.87
C14 QMR J . -10.22 22.16 6.35
C15 QMR J . -10.80 21.03 6.99
C16 QMR J . -12.13 21.15 7.44
#